data_3IMF
#
_entry.id   3IMF
#
_cell.length_a   174.237
_cell.length_b   89.560
_cell.length_c   71.785
_cell.angle_alpha   90.00
_cell.angle_beta   111.60
_cell.angle_gamma   90.00
#
_symmetry.space_group_name_H-M   'C 1 2 1'
#
loop_
_entity.id
_entity.type
_entity.pdbx_description
1 polymer 'Short chain dehydrogenase'
2 non-polymer 'ACETATE ION'
3 water water
#
_entity_poly.entity_id   1
_entity_poly.type   'polypeptide(L)'
_entity_poly.pdbx_seq_one_letter_code
;SNA(MSE)KEKVVIITGGSSG(MSE)GKG(MSE)ATRFAKEGARVVITGRTKEKLEEAKLEIEQFPGQILTVQ(MSE)DV
RNTDDIQK(MSE)IEQIDEKFGRIDILINNAAGNFICPAEDLSVNGWNSVINIVLNGTFYCSQAIGKYWIEKGIKGNIIN
(MSE)VATYAWDAGPGVIHSAAAKAGVLA(MSE)TKTLAVEWGRKYGIRVNAIAPGPIERTGGADKLWISEE(MSE)AKR
TIQSVPLGRLGTPEEIAGLAYYLCSDEAAYINGTC(MSE)T(MSE)DGGQHLHQYPF
;
_entity_poly.pdbx_strand_id   A,B,C,D
#
# COMPACT_ATOMS: atom_id res chain seq x y z
N ASN A 2 -14.80 36.58 5.80
CA ASN A 2 -13.69 36.35 4.82
C ASN A 2 -13.97 35.11 3.96
N ALA A 3 -12.93 34.43 3.47
CA ALA A 3 -13.08 33.27 2.56
C ALA A 3 -13.90 32.08 3.11
N LYS A 5 -15.98 32.46 5.76
CA LYS A 5 -17.04 33.04 6.56
C LYS A 5 -18.30 32.18 6.52
N GLU A 6 -19.05 32.18 7.60
CA GLU A 6 -20.24 31.36 7.69
C GLU A 6 -19.99 29.84 7.70
N LYS A 7 -18.74 29.39 7.76
CA LYS A 7 -18.50 27.95 7.97
C LYS A 7 -18.14 27.74 9.44
N VAL A 8 -18.47 26.56 9.98
CA VAL A 8 -18.20 26.18 11.37
C VAL A 8 -17.29 24.96 11.31
N VAL A 9 -16.12 25.10 11.93
CA VAL A 9 -15.12 24.07 11.96
C VAL A 9 -14.87 23.58 13.38
N ILE A 10 -14.93 22.28 13.60
CA ILE A 10 -14.63 21.71 14.90
C ILE A 10 -13.23 21.03 14.84
N ILE A 11 -12.36 21.38 15.78
CA ILE A 11 -11.03 20.76 15.85
C ILE A 11 -10.83 20.15 17.22
N THR A 12 -10.85 18.82 17.33
CA THR A 12 -10.61 18.21 18.62
C THR A 12 -9.12 18.38 18.90
N GLY A 13 -8.75 18.56 20.16
CA GLY A 13 -7.35 18.77 20.51
C GLY A 13 -6.82 20.06 19.91
N GLY A 14 -7.67 21.09 19.82
CA GLY A 14 -7.32 22.35 19.17
C GLY A 14 -6.61 23.39 20.01
N SER A 15 -6.24 23.07 21.25
CA SER A 15 -5.63 24.11 22.10
C SER A 15 -4.12 24.13 22.05
N SER A 16 -3.53 23.17 21.36
CA SER A 16 -2.07 23.09 21.24
C SER A 16 -1.61 22.47 19.92
N GLY A 17 -0.31 22.59 19.67
CA GLY A 17 0.34 21.99 18.50
C GLY A 17 -0.31 22.18 17.14
N GLY A 19 -3.20 21.12 16.11
CA GLY A 19 -4.59 21.50 16.27
C GLY A 19 -4.76 23.01 16.30
N LYS A 20 -3.90 23.67 17.06
CA LYS A 20 -3.99 25.12 17.19
C LYS A 20 -3.50 25.82 15.95
N GLY A 21 -2.53 25.23 15.25
CA GLY A 21 -2.08 25.79 13.98
C GLY A 21 -3.21 25.75 12.96
N ALA A 23 -6.39 25.59 13.74
CA ALA A 23 -7.37 26.49 14.28
C ALA A 23 -7.04 27.96 13.89
N THR A 24 -5.76 28.31 13.92
CA THR A 24 -5.34 29.67 13.58
C THR A 24 -5.67 30.04 12.15
N ARG A 25 -5.40 29.11 11.24
CA ARG A 25 -5.64 29.33 9.82
C ARG A 25 -7.14 29.47 9.52
N PHE A 26 -7.96 28.55 10.01
CA PHE A 26 -9.41 28.66 9.78
C PHE A 26 -9.99 29.97 10.34
N ALA A 27 -9.52 30.39 11.52
CA ALA A 27 -9.99 31.65 12.09
C ALA A 27 -9.55 32.84 11.24
N LYS A 28 -8.31 32.79 10.71
CA LYS A 28 -7.84 33.87 9.85
C LYS A 28 -8.65 33.93 8.56
N GLU A 29 -9.21 32.82 8.13
CA GLU A 29 -10.03 32.84 6.93
C GLU A 29 -11.48 33.20 7.27
N GLY A 30 -11.74 33.60 8.51
CA GLY A 30 -13.08 34.03 8.92
C GLY A 30 -14.12 33.01 9.35
N ALA A 31 -13.72 31.74 9.48
CA ALA A 31 -14.67 30.71 9.88
C ALA A 31 -14.89 30.73 11.37
N ARG A 32 -16.00 30.15 11.83
N ARG A 32 -16.00 30.17 11.85
CA ARG A 32 -16.25 29.99 13.25
CA ARG A 32 -16.22 30.00 13.27
C ARG A 32 -15.48 28.71 13.62
C ARG A 32 -15.48 28.73 13.61
N VAL A 33 -14.78 28.71 14.74
CA VAL A 33 -13.99 27.56 15.12
C VAL A 33 -14.31 27.08 16.52
N VAL A 34 -14.59 25.79 16.62
CA VAL A 34 -14.79 25.15 17.92
C VAL A 34 -13.54 24.31 18.23
N ILE A 35 -12.88 24.63 19.33
CA ILE A 35 -11.73 23.85 19.77
C ILE A 35 -12.04 23.15 21.08
N THR A 36 -11.64 21.88 21.16
CA THR A 36 -11.90 21.06 22.31
C THR A 36 -10.57 20.71 22.99
N GLY A 37 -10.65 20.42 24.29
CA GLY A 37 -9.49 20.04 25.05
C GLY A 37 -9.94 19.57 26.42
N ARG A 38 -9.00 19.04 27.20
CA ARG A 38 -9.30 18.54 28.53
C ARG A 38 -8.98 19.54 29.64
N THR A 39 -8.35 20.68 29.31
CA THR A 39 -7.98 21.66 30.33
C THR A 39 -8.40 23.09 29.98
N LYS A 40 -9.08 23.69 30.94
CA LYS A 40 -9.68 25.02 30.81
C LYS A 40 -8.67 26.10 30.41
N GLU A 41 -7.58 26.18 31.15
CA GLU A 41 -6.55 27.21 30.92
C GLU A 41 -5.94 27.21 29.52
N LYS A 42 -5.56 26.05 29.01
CA LYS A 42 -4.99 25.99 27.67
C LYS A 42 -6.00 26.45 26.62
N LEU A 43 -7.25 26.03 26.76
CA LEU A 43 -8.31 26.45 25.84
C LEU A 43 -8.47 27.98 25.85
N GLU A 44 -8.49 28.59 27.03
CA GLU A 44 -8.62 30.04 27.14
C GLU A 44 -7.45 30.74 26.45
N GLU A 45 -6.24 30.23 26.66
CA GLU A 45 -5.05 30.81 26.05
C GLU A 45 -5.12 30.69 24.53
N ALA A 46 -5.41 29.50 24.04
CA ALA A 46 -5.52 29.28 22.60
C ALA A 46 -6.53 30.25 21.98
N LYS A 47 -7.70 30.35 22.61
CA LYS A 47 -8.77 31.24 22.13
C LYS A 47 -8.29 32.66 22.03
N LEU A 48 -7.57 33.13 23.05
CA LEU A 48 -7.02 34.48 23.03
C LEU A 48 -5.99 34.65 21.91
N GLU A 49 -5.20 33.61 21.64
CA GLU A 49 -4.22 33.69 20.56
C GLU A 49 -4.82 33.72 19.14
N ILE A 50 -5.92 33.04 18.92
CA ILE A 50 -6.43 32.92 17.54
C ILE A 50 -7.69 33.71 17.17
N GLU A 51 -8.48 34.12 18.15
CA GLU A 51 -9.75 34.78 17.87
C GLU A 51 -9.57 36.10 17.12
N GLN A 52 -10.24 36.23 15.98
CA GLN A 52 -10.14 37.43 15.16
C GLN A 52 -11.26 38.43 15.44
N PHE A 53 -12.38 37.95 15.98
CA PHE A 53 -13.51 38.82 16.29
C PHE A 53 -14.32 38.19 17.39
N PRO A 54 -15.07 38.98 18.15
CA PRO A 54 -15.82 38.44 19.28
C PRO A 54 -16.82 37.37 18.88
N GLY A 55 -16.82 36.28 19.64
CA GLY A 55 -17.73 35.19 19.39
C GLY A 55 -17.28 34.25 18.28
N GLN A 56 -16.11 34.47 17.70
CA GLN A 56 -15.63 33.60 16.62
C GLN A 56 -15.27 32.19 17.09
N ILE A 57 -14.69 32.10 18.27
CA ILE A 57 -14.22 30.84 18.80
C ILE A 57 -15.05 30.32 19.97
N LEU A 58 -15.32 29.03 19.96
CA LEU A 58 -16.02 28.39 21.04
C LEU A 58 -15.09 27.33 21.59
N THR A 59 -14.77 27.41 22.87
CA THR A 59 -13.96 26.41 23.54
C THR A 59 -14.90 25.45 24.24
N VAL A 60 -14.56 24.16 24.19
CA VAL A 60 -15.34 23.14 24.83
C VAL A 60 -14.39 22.20 25.57
N GLN A 61 -14.52 22.16 26.90
CA GLN A 61 -13.74 21.26 27.71
C GLN A 61 -14.51 19.95 27.68
N ASP A 63 -14.16 15.31 26.76
CA ASP A 63 -13.40 14.08 26.55
C ASP A 63 -14.02 13.39 25.34
N VAL A 64 -13.24 13.19 24.28
CA VAL A 64 -13.72 12.54 23.07
C VAL A 64 -14.15 11.09 23.34
N ARG A 65 -13.75 10.54 24.47
CA ARG A 65 -14.15 9.18 24.81
C ARG A 65 -15.56 9.10 25.43
N ASN A 66 -16.16 10.24 25.70
CA ASN A 66 -17.45 10.29 26.35
C ASN A 66 -18.53 10.77 25.39
N THR A 67 -19.44 9.86 25.04
CA THR A 67 -20.52 10.14 24.08
C THR A 67 -21.54 11.17 24.58
N ASP A 68 -21.69 11.30 25.89
CA ASP A 68 -22.56 12.35 26.41
C ASP A 68 -21.93 13.71 26.14
N ASP A 69 -20.61 13.83 26.37
CA ASP A 69 -19.88 15.08 26.15
C ASP A 69 -20.02 15.49 24.68
N ILE A 70 -19.94 14.50 23.79
CA ILE A 70 -20.03 14.79 22.37
C ILE A 70 -21.43 15.34 22.00
N GLN A 71 -22.47 14.69 22.48
N GLN A 71 -22.47 14.69 22.50
CA GLN A 71 -23.84 15.15 22.21
CA GLN A 71 -23.85 15.12 22.26
C GLN A 71 -24.09 16.56 22.78
C GLN A 71 -24.06 16.54 22.77
N LYS A 72 -23.57 16.82 23.99
CA LYS A 72 -23.70 18.13 24.60
C LYS A 72 -22.97 19.19 23.79
N ILE A 74 -22.38 19.07 20.51
CA ILE A 74 -23.18 19.27 19.30
C ILE A 74 -24.39 20.20 19.57
N GLU A 75 -25.10 19.99 20.68
CA GLU A 75 -26.24 20.85 21.00
C GLU A 75 -25.78 22.29 21.26
N GLN A 76 -24.64 22.44 21.94
CA GLN A 76 -24.13 23.76 22.23
C GLN A 76 -23.74 24.48 20.93
N ILE A 77 -23.07 23.79 20.02
CA ILE A 77 -22.66 24.43 18.75
C ILE A 77 -23.87 24.79 17.90
N ASP A 78 -24.83 23.89 17.84
CA ASP A 78 -26.03 24.12 17.06
C ASP A 78 -26.77 25.36 17.58
N GLU A 79 -26.84 25.52 18.90
N GLU A 79 -26.83 25.49 18.91
CA GLU A 79 -27.53 26.68 19.48
CA GLU A 79 -27.48 26.61 19.55
C GLU A 79 -26.76 27.96 19.20
C GLU A 79 -26.76 27.93 19.22
N LYS A 80 -25.44 27.92 19.36
CA LYS A 80 -24.62 29.12 19.13
C LYS A 80 -24.47 29.50 17.65
N PHE A 81 -24.14 28.52 16.80
CA PHE A 81 -23.89 28.81 15.38
C PHE A 81 -24.93 28.28 14.41
N GLY A 82 -25.74 27.30 14.81
CA GLY A 82 -26.78 26.77 13.92
C GLY A 82 -26.34 25.77 12.84
N ARG A 83 -25.05 25.45 12.78
N ARG A 83 -25.05 25.43 12.80
CA ARG A 83 -24.55 24.49 11.77
CA ARG A 83 -24.54 24.49 11.79
C ARG A 83 -23.15 24.01 12.12
C ARG A 83 -23.14 24.01 12.12
N ILE A 84 -22.70 22.98 11.41
CA ILE A 84 -21.37 22.40 11.57
C ILE A 84 -20.99 22.02 10.15
N ASP A 85 -19.83 22.46 9.69
CA ASP A 85 -19.40 22.16 8.34
C ASP A 85 -18.25 21.17 8.21
N ILE A 86 -17.31 21.25 9.14
CA ILE A 86 -16.06 20.49 9.08
C ILE A 86 -15.69 19.95 10.44
N LEU A 87 -15.30 18.68 10.48
CA LEU A 87 -14.76 18.06 11.67
C LEU A 87 -13.33 17.58 11.39
N ILE A 88 -12.41 17.99 12.24
CA ILE A 88 -11.02 17.58 12.21
C ILE A 88 -10.74 16.82 13.51
N ASN A 89 -10.52 15.52 13.38
CA ASN A 89 -10.21 14.63 14.48
C ASN A 89 -8.69 14.59 14.65
N ASN A 90 -8.24 15.36 15.62
CA ASN A 90 -6.84 15.59 15.90
C ASN A 90 -6.50 15.15 17.32
N ALA A 91 -7.42 15.26 18.26
CA ALA A 91 -7.16 14.76 19.61
C ALA A 91 -6.36 13.44 19.51
N ALA A 92 -5.24 13.38 20.21
CA ALA A 92 -4.39 12.20 20.21
C ALA A 92 -3.65 12.06 21.55
N GLY A 93 -3.02 10.90 21.74
CA GLY A 93 -2.20 10.60 22.92
C GLY A 93 -1.11 9.66 22.42
N ASN A 94 0.15 10.00 22.68
CA ASN A 94 1.27 9.17 22.23
C ASN A 94 2.56 9.34 23.05
N PHE A 95 3.29 8.23 23.14
CA PHE A 95 4.49 8.14 23.92
C PHE A 95 5.16 6.85 23.50
N ILE A 96 6.42 6.69 23.83
CA ILE A 96 7.16 5.50 23.46
C ILE A 96 7.18 4.52 24.61
N CYS A 97 7.03 3.25 24.27
CA CYS A 97 7.10 2.19 25.27
C CYS A 97 7.30 0.85 24.57
N PRO A 98 8.28 0.06 25.01
CA PRO A 98 8.39 -1.24 24.35
C PRO A 98 7.08 -2.02 24.50
N ALA A 99 6.68 -2.72 23.45
CA ALA A 99 5.40 -3.42 23.44
C ALA A 99 5.21 -4.37 24.61
N GLU A 100 6.28 -5.05 25.01
N GLU A 100 6.27 -5.07 25.01
CA GLU A 100 6.25 -5.98 26.14
CA GLU A 100 6.16 -6.01 26.13
C GLU A 100 6.03 -5.30 27.47
C GLU A 100 6.07 -5.32 27.49
N ASP A 101 6.35 -4.01 27.54
CA ASP A 101 6.29 -3.25 28.81
C ASP A 101 5.04 -2.37 28.93
N LEU A 102 4.26 -2.28 27.86
CA LEU A 102 3.06 -1.45 27.86
C LEU A 102 1.99 -2.04 28.77
N SER A 103 1.46 -1.22 29.68
CA SER A 103 0.41 -1.67 30.58
C SER A 103 -0.88 -1.80 29.77
N VAL A 104 -1.78 -2.65 30.24
CA VAL A 104 -3.09 -2.83 29.60
C VAL A 104 -3.86 -1.51 29.60
N ASN A 105 -3.82 -0.78 30.72
CA ASN A 105 -4.48 0.53 30.75
C ASN A 105 -3.86 1.51 29.77
N GLY A 106 -2.55 1.45 29.60
CA GLY A 106 -1.87 2.35 28.65
C GLY A 106 -2.32 2.08 27.23
N TRP A 107 -2.32 0.81 26.84
CA TRP A 107 -2.83 0.40 25.53
C TRP A 107 -4.28 0.84 25.36
N ASN A 108 -5.13 0.53 26.35
CA ASN A 108 -6.55 0.88 26.28
C ASN A 108 -6.77 2.37 26.12
N SER A 109 -6.00 3.18 26.84
CA SER A 109 -6.15 4.62 26.79
C SER A 109 -5.90 5.18 25.41
N VAL A 110 -4.88 4.68 24.70
CA VAL A 110 -4.59 5.19 23.39
C VAL A 110 -5.65 4.75 22.38
N ILE A 111 -6.03 3.47 22.42
CA ILE A 111 -7.06 2.97 21.51
C ILE A 111 -8.35 3.75 21.78
N ASN A 112 -8.65 4.00 23.04
CA ASN A 112 -9.88 4.72 23.39
C ASN A 112 -9.93 6.16 22.91
N ILE A 113 -8.85 6.90 23.11
CA ILE A 113 -8.80 8.30 22.69
C ILE A 113 -8.68 8.43 21.19
N VAL A 114 -7.75 7.69 20.61
CA VAL A 114 -7.51 7.85 19.19
C VAL A 114 -8.49 7.16 18.28
N LEU A 115 -8.71 5.86 18.49
CA LEU A 115 -9.58 5.12 17.59
C LEU A 115 -11.03 5.30 17.97
N ASN A 116 -11.38 4.96 19.21
CA ASN A 116 -12.78 5.04 19.60
C ASN A 116 -13.30 6.49 19.62
N GLY A 117 -12.52 7.41 20.16
CA GLY A 117 -12.94 8.80 20.23
C GLY A 117 -13.16 9.39 18.84
N THR A 118 -12.32 8.99 17.88
CA THR A 118 -12.50 9.45 16.50
C THR A 118 -13.79 8.88 15.91
N PHE A 119 -14.09 7.63 16.23
CA PHE A 119 -15.35 7.04 15.74
C PHE A 119 -16.55 7.70 16.41
N TYR A 120 -16.48 7.93 17.73
CA TYR A 120 -17.60 8.57 18.42
C TYR A 120 -17.89 9.97 17.87
N CYS A 121 -16.83 10.74 17.64
CA CYS A 121 -17.00 12.09 17.12
C CYS A 121 -17.54 12.04 15.70
N SER A 122 -16.98 11.13 14.90
CA SER A 122 -17.37 11.05 13.52
C SER A 122 -18.79 10.60 13.32
N GLN A 123 -19.22 9.59 14.08
CA GLN A 123 -20.57 9.10 13.93
C GLN A 123 -21.58 10.14 14.41
N ALA A 124 -21.28 10.80 15.53
CA ALA A 124 -22.22 11.77 16.08
C ALA A 124 -22.34 12.99 15.17
N ILE A 125 -21.22 13.46 14.66
CA ILE A 125 -21.25 14.59 13.75
C ILE A 125 -21.89 14.18 12.43
N GLY A 126 -21.58 12.96 11.97
CA GLY A 126 -22.17 12.48 10.73
C GLY A 126 -23.68 12.41 10.84
N LYS A 127 -24.17 11.91 11.97
CA LYS A 127 -25.62 11.82 12.18
C LYS A 127 -26.27 13.19 12.19
N TYR A 128 -25.58 14.18 12.76
CA TYR A 128 -26.06 15.56 12.72
C TYR A 128 -26.18 16.05 11.27
N TRP A 129 -25.15 15.81 10.46
CA TRP A 129 -25.17 16.20 9.05
C TRP A 129 -26.25 15.47 8.25
N ILE A 130 -26.45 14.19 8.54
CA ILE A 130 -27.46 13.39 7.85
C ILE A 130 -28.85 13.98 8.10
N GLU A 131 -29.12 14.32 9.34
CA GLU A 131 -30.39 14.90 9.72
C GLU A 131 -30.59 16.28 9.11
N LYS A 132 -29.53 17.08 9.02
CA LYS A 132 -29.69 18.41 8.47
C LYS A 132 -29.42 18.51 6.97
N GLY A 133 -29.05 17.39 6.35
CA GLY A 133 -28.74 17.37 4.92
C GLY A 133 -27.50 18.18 4.58
N ILE A 134 -26.50 18.16 5.47
CA ILE A 134 -25.26 18.89 5.26
C ILE A 134 -24.21 17.97 4.65
N LYS A 135 -23.58 18.44 3.57
CA LYS A 135 -22.53 17.69 2.89
C LYS A 135 -21.19 18.02 3.57
N GLY A 136 -20.98 17.46 4.75
CA GLY A 136 -19.80 17.77 5.54
C GLY A 136 -18.49 17.22 5.05
N ASN A 137 -17.44 17.65 5.73
CA ASN A 137 -16.06 17.22 5.45
C ASN A 137 -15.40 16.80 6.73
N ILE A 138 -14.80 15.60 6.74
CA ILE A 138 -14.07 15.11 7.88
C ILE A 138 -12.60 14.94 7.48
N ILE A 139 -11.70 15.42 8.35
CA ILE A 139 -10.26 15.22 8.19
C ILE A 139 -9.72 14.56 9.46
N ASN A 140 -9.12 13.38 9.28
CA ASN A 140 -8.55 12.64 10.39
C ASN A 140 -7.02 12.71 10.36
N VAL A 142 -3.59 11.32 10.95
CA VAL A 142 -2.99 9.99 11.15
C VAL A 142 -1.47 10.14 11.21
N ALA A 143 -0.74 9.06 11.01
CA ALA A 143 0.71 9.10 11.06
C ALA A 143 1.24 8.16 10.00
N THR A 144 2.46 8.40 9.51
CA THR A 144 2.96 7.56 8.44
C THR A 144 3.18 6.12 8.90
N TYR A 145 3.33 5.90 10.20
CA TYR A 145 3.47 4.53 10.69
C TYR A 145 2.13 3.78 10.75
N ALA A 146 1.03 4.48 10.44
CA ALA A 146 -0.27 3.82 10.40
C ALA A 146 -0.33 2.72 9.32
N TRP A 147 0.51 2.76 8.30
CA TRP A 147 0.46 1.71 7.26
C TRP A 147 1.73 0.95 7.16
N ASP A 148 2.47 0.94 8.25
CA ASP A 148 3.71 0.26 8.30
C ASP A 148 3.89 -0.17 9.76
N ALA A 149 5.13 -0.27 10.17
CA ALA A 149 5.44 -0.60 11.55
C ALA A 149 5.71 0.67 12.32
N GLY A 150 5.32 0.67 13.60
CA GLY A 150 5.57 1.79 14.52
C GLY A 150 6.27 1.29 15.77
N PRO A 151 7.54 0.86 15.64
CA PRO A 151 8.26 0.31 16.78
C PRO A 151 8.34 1.31 17.89
N GLY A 152 8.00 0.89 19.09
CA GLY A 152 8.02 1.77 20.25
C GLY A 152 6.71 2.51 20.48
N VAL A 153 5.85 2.55 19.45
CA VAL A 153 4.53 3.23 19.52
C VAL A 153 3.39 2.31 19.02
N ILE A 154 3.42 1.04 19.42
CA ILE A 154 2.49 0.03 18.91
C ILE A 154 1.03 0.42 19.14
N HIS A 155 0.73 1.01 20.29
CA HIS A 155 -0.61 1.52 20.59
C HIS A 155 -1.08 2.57 19.57
N SER A 156 -0.25 3.56 19.27
N SER A 156 -0.26 3.57 19.27
CA SER A 156 -0.61 4.60 18.31
CA SER A 156 -0.65 4.61 18.31
C SER A 156 -0.69 4.06 16.88
C SER A 156 -0.69 4.08 16.86
N ALA A 157 0.23 3.17 16.52
CA ALA A 157 0.25 2.60 15.18
C ALA A 157 -1.03 1.83 14.92
N ALA A 158 -1.47 1.03 15.88
CA ALA A 158 -2.73 0.29 15.76
C ALA A 158 -3.92 1.23 15.71
N ALA A 159 -3.96 2.19 16.62
CA ALA A 159 -5.09 3.10 16.67
C ALA A 159 -5.21 3.93 15.39
N LYS A 160 -4.09 4.45 14.92
CA LYS A 160 -4.08 5.29 13.72
C LYS A 160 -4.34 4.47 12.45
N ALA A 161 -3.91 3.21 12.45
CA ALA A 161 -4.26 2.33 11.33
C ALA A 161 -5.78 2.14 11.28
N GLY A 162 -6.37 1.94 12.46
CA GLY A 162 -7.80 1.82 12.55
C GLY A 162 -8.48 3.08 12.06
N VAL A 163 -7.93 4.24 12.41
CA VAL A 163 -8.49 5.52 11.93
C VAL A 163 -8.41 5.65 10.41
N LEU A 164 -7.30 5.21 9.82
CA LEU A 164 -7.14 5.26 8.38
C LEU A 164 -8.17 4.36 7.69
N ALA A 165 -8.41 3.15 8.23
CA ALA A 165 -9.44 2.26 7.67
C ALA A 165 -10.82 2.87 7.80
N THR A 167 -11.47 6.01 7.85
CA THR A 167 -11.46 7.15 6.89
C THR A 167 -11.89 6.69 5.50
N LYS A 168 -11.29 5.60 5.04
CA LYS A 168 -11.60 5.07 3.72
C LYS A 168 -13.00 4.46 3.67
N THR A 169 -13.40 3.75 4.72
CA THR A 169 -14.72 3.15 4.80
C THR A 169 -15.80 4.21 4.80
N LEU A 170 -15.69 5.23 5.64
CA LEU A 170 -16.68 6.31 5.62
C LEU A 170 -16.72 7.09 4.29
N ALA A 171 -15.57 7.31 3.68
CA ALA A 171 -15.55 7.98 2.38
C ALA A 171 -16.42 7.23 1.35
N VAL A 172 -16.43 5.90 1.41
CA VAL A 172 -17.21 5.11 0.48
C VAL A 172 -18.70 5.16 0.86
N GLU A 173 -19.00 4.76 2.09
CA GLU A 173 -20.39 4.72 2.58
C GLU A 173 -21.10 6.06 2.59
N TRP A 174 -20.50 7.03 3.26
CA TRP A 174 -21.11 8.36 3.40
C TRP A 174 -20.89 9.26 2.21
N GLY A 175 -19.83 9.02 1.46
CA GLY A 175 -19.61 9.78 0.23
C GLY A 175 -20.75 9.41 -0.71
N ARG A 176 -21.08 8.13 -0.78
CA ARG A 176 -22.12 7.66 -1.66
C ARG A 176 -23.54 8.03 -1.17
N LYS A 177 -23.84 7.79 0.10
CA LYS A 177 -25.21 7.96 0.59
C LYS A 177 -25.55 9.40 0.94
N TYR A 178 -24.56 10.16 1.40
CA TYR A 178 -24.76 11.52 1.88
C TYR A 178 -23.88 12.63 1.29
N GLY A 179 -22.92 12.27 0.44
CA GLY A 179 -22.05 13.28 -0.17
C GLY A 179 -21.07 13.88 0.84
N ILE A 180 -20.84 13.17 1.94
CA ILE A 180 -19.87 13.55 2.97
C ILE A 180 -18.47 13.09 2.54
N ARG A 181 -17.49 14.01 2.52
CA ARG A 181 -16.10 13.65 2.19
C ARG A 181 -15.28 13.35 3.43
N VAL A 182 -14.51 12.27 3.36
CA VAL A 182 -13.68 11.87 4.47
C VAL A 182 -12.26 11.58 3.97
N ASN A 183 -11.28 12.27 4.55
CA ASN A 183 -9.86 12.13 4.20
C ASN A 183 -8.97 12.18 5.42
N ALA A 184 -7.71 11.87 5.24
CA ALA A 184 -6.73 11.95 6.32
C ALA A 184 -5.50 12.72 5.91
N ILE A 185 -4.75 13.18 6.91
CA ILE A 185 -3.47 13.83 6.72
C ILE A 185 -2.49 13.09 7.57
N ALA A 186 -1.32 12.79 7.00
CA ALA A 186 -0.27 12.08 7.73
C ALA A 186 0.95 12.99 7.75
N PRO A 187 1.20 13.63 8.91
CA PRO A 187 2.33 14.55 8.95
C PRO A 187 3.60 13.87 9.37
N GLY A 188 4.71 14.44 8.95
CA GLY A 188 6.00 13.95 9.38
C GLY A 188 6.31 14.69 10.67
N PRO A 189 7.60 14.90 10.96
CA PRO A 189 8.00 15.61 12.18
C PRO A 189 7.72 17.10 12.00
N ILE A 190 6.95 17.69 12.91
CA ILE A 190 6.57 19.09 12.79
C ILE A 190 7.12 19.90 13.97
N GLU A 191 7.64 21.10 13.70
CA GLU A 191 8.18 21.91 14.78
C GLU A 191 7.02 22.40 15.67
N ARG A 192 7.35 22.73 16.92
CA ARG A 192 6.37 23.22 17.88
C ARG A 192 5.24 22.21 18.21
N THR A 193 5.61 21.02 18.65
CA THR A 193 4.63 20.00 19.03
C THR A 193 5.16 19.18 20.21
N GLY A 194 4.26 18.75 21.09
CA GLY A 194 4.64 17.98 22.28
C GLY A 194 4.96 16.51 22.00
N GLY A 195 5.00 15.72 23.07
CA GLY A 195 5.30 14.27 22.97
C GLY A 195 5.73 13.66 24.30
N ALA A 196 6.74 12.80 24.25
CA ALA A 196 7.27 12.16 25.46
C ALA A 196 8.60 11.50 25.13
N GLU A 204 19.84 11.34 21.02
CA GLU A 204 21.08 12.06 20.89
C GLU A 204 20.97 13.17 19.84
N ALA A 206 18.46 16.25 17.79
CA ALA A 206 17.36 16.15 16.84
C ALA A 206 17.87 15.83 15.43
N LYS A 207 19.02 16.39 15.08
CA LYS A 207 19.62 16.17 13.78
C LYS A 207 19.61 14.68 13.43
N ARG A 208 19.15 13.86 14.35
CA ARG A 208 19.09 12.42 14.15
C ARG A 208 17.92 12.04 13.24
N THR A 209 16.89 12.88 13.23
CA THR A 209 15.71 12.64 12.41
C THR A 209 15.53 13.74 11.35
N ILE A 210 16.00 14.96 11.62
CA ILE A 210 16.01 15.99 10.58
C ILE A 210 16.80 15.42 9.40
N GLN A 211 17.81 14.61 9.72
CA GLN A 211 18.62 13.93 8.72
C GLN A 211 17.84 12.85 7.98
N SER A 212 16.92 12.20 8.67
CA SER A 212 16.10 11.17 8.06
C SER A 212 15.09 11.75 7.05
N VAL A 213 14.93 13.06 7.02
CA VAL A 213 13.98 13.69 6.10
C VAL A 213 14.76 14.17 4.87
N PRO A 214 14.39 13.68 3.67
CA PRO A 214 15.11 14.15 2.48
C PRO A 214 15.21 15.67 2.43
N LEU A 215 14.12 16.37 2.71
CA LEU A 215 14.16 17.84 2.65
C LEU A 215 14.98 18.50 3.79
N GLY A 216 15.44 17.69 4.75
CA GLY A 216 16.36 18.17 5.77
C GLY A 216 15.88 19.21 6.77
N ARG A 217 14.60 19.18 7.09
CA ARG A 217 14.06 20.09 8.06
C ARG A 217 12.75 19.53 8.58
N LEU A 218 12.24 20.20 9.58
CA LEU A 218 10.97 19.87 10.14
C LEU A 218 9.88 20.62 9.36
N GLY A 219 8.68 20.07 9.37
CA GLY A 219 7.53 20.76 8.80
C GLY A 219 7.02 21.77 9.80
N THR A 220 6.06 22.60 9.39
CA THR A 220 5.51 23.58 10.31
C THR A 220 3.99 23.43 10.48
N PRO A 221 3.48 23.86 11.64
CA PRO A 221 2.02 23.85 11.85
C PRO A 221 1.27 24.67 10.80
N GLU A 222 1.92 25.70 10.26
CA GLU A 222 1.30 26.53 9.23
C GLU A 222 1.19 25.75 7.91
N GLU A 223 2.20 24.94 7.60
CA GLU A 223 2.11 24.09 6.40
C GLU A 223 1.01 23.04 6.53
N ILE A 224 0.92 22.40 7.70
CA ILE A 224 -0.14 21.43 7.93
C ILE A 224 -1.51 22.14 7.80
N ALA A 225 -1.61 23.33 8.37
CA ALA A 225 -2.85 24.08 8.30
C ALA A 225 -3.23 24.42 6.86
N GLY A 226 -2.24 24.71 6.03
CA GLY A 226 -2.48 24.97 4.60
C GLY A 226 -3.03 23.74 3.86
N LEU A 227 -2.60 22.56 4.28
CA LEU A 227 -3.08 21.34 3.64
C LEU A 227 -4.52 21.11 4.07
N ALA A 228 -4.79 21.28 5.35
CA ALA A 228 -6.14 21.14 5.88
C ALA A 228 -7.08 22.13 5.18
N TYR A 229 -6.62 23.38 5.01
CA TYR A 229 -7.43 24.38 4.34
C TYR A 229 -7.70 24.01 2.90
N TYR A 230 -6.67 23.56 2.16
CA TYR A 230 -6.89 23.12 0.80
C TYR A 230 -7.91 21.99 0.74
N LEU A 231 -7.78 20.97 1.60
CA LEU A 231 -8.72 19.85 1.61
C LEU A 231 -10.15 20.25 1.89
N CYS A 232 -10.34 21.35 2.61
CA CYS A 232 -11.69 21.85 2.86
C CYS A 232 -12.19 22.81 1.79
N SER A 233 -11.36 23.20 0.84
CA SER A 233 -11.81 24.17 -0.18
C SER A 233 -12.72 23.55 -1.27
N ASP A 234 -13.46 24.40 -1.98
CA ASP A 234 -14.34 23.91 -3.05
C ASP A 234 -13.56 23.19 -4.16
N GLU A 235 -12.35 23.67 -4.43
N GLU A 235 -12.36 23.66 -4.46
CA GLU A 235 -11.43 23.09 -5.41
CA GLU A 235 -11.54 23.07 -5.52
C GLU A 235 -11.13 21.64 -5.17
C GLU A 235 -11.06 21.65 -5.17
N ALA A 236 -11.12 21.28 -3.89
CA ALA A 236 -10.73 19.93 -3.46
C ALA A 236 -11.94 19.02 -3.26
N ALA A 237 -13.09 19.45 -3.76
CA ALA A 237 -14.34 18.73 -3.54
C ALA A 237 -14.35 17.27 -4.03
N TYR A 238 -13.46 16.90 -4.95
CA TYR A 238 -13.43 15.54 -5.48
C TYR A 238 -12.44 14.65 -4.75
N ILE A 239 -11.70 15.19 -3.79
CA ILE A 239 -10.77 14.38 -3.03
C ILE A 239 -11.58 13.68 -1.94
N ASN A 240 -11.52 12.37 -1.92
CA ASN A 240 -12.31 11.63 -0.98
C ASN A 240 -11.70 10.26 -0.75
N GLY A 241 -11.57 9.88 0.51
CA GLY A 241 -11.04 8.57 0.88
C GLY A 241 -9.52 8.40 0.73
N THR A 242 -8.78 9.51 0.75
CA THR A 242 -7.33 9.44 0.63
C THR A 242 -6.62 9.93 1.88
N CYS A 243 -5.33 9.63 1.95
CA CYS A 243 -4.47 10.15 3.00
C CYS A 243 -3.39 11.01 2.34
N THR A 245 -0.01 12.79 2.61
CA THR A 245 1.18 12.77 3.44
C THR A 245 2.01 14.01 3.26
N ASP A 247 5.46 14.90 4.82
CA ASP A 247 6.59 14.54 5.67
C ASP A 247 7.96 14.72 5.06
N GLY A 248 8.03 15.53 4.01
CA GLY A 248 9.29 15.81 3.31
C GLY A 248 9.96 14.60 2.67
N GLY A 249 9.22 13.50 2.64
CA GLY A 249 9.69 12.23 2.09
C GLY A 249 10.26 11.26 3.12
N GLN A 250 10.09 11.58 4.40
CA GLN A 250 10.65 10.79 5.48
C GLN A 250 10.30 9.32 5.53
N HIS A 251 9.04 8.97 5.26
CA HIS A 251 8.60 7.62 5.42
C HIS A 251 9.13 6.67 4.33
N LEU A 252 9.73 7.20 3.28
CA LEU A 252 10.26 6.35 2.21
C LEU A 252 11.62 5.75 2.59
N HIS A 253 12.03 4.69 1.89
CA HIS A 253 13.33 4.07 2.13
C HIS A 253 14.40 5.09 1.79
N GLN A 254 15.36 5.25 2.70
CA GLN A 254 16.41 6.25 2.50
C GLN A 254 17.68 5.64 1.91
N TYR A 255 17.82 4.32 1.94
CA TYR A 255 18.97 3.65 1.32
C TYR A 255 18.53 2.31 0.69
N PRO A 256 19.35 1.77 -0.22
CA PRO A 256 19.07 0.47 -0.82
C PRO A 256 19.83 -0.65 -0.11
N ALA B 3 7.41 35.04 -7.20
CA ALA B 3 5.96 34.71 -7.29
C ALA B 3 5.72 33.86 -8.54
N LYS B 5 4.19 34.55 -11.05
CA LYS B 5 4.35 35.43 -12.21
C LYS B 5 5.72 35.30 -12.89
N GLU B 6 6.74 34.93 -12.14
CA GLU B 6 8.08 34.85 -12.69
C GLU B 6 8.48 33.42 -13.05
N LYS B 7 7.61 32.47 -12.74
CA LYS B 7 7.97 31.07 -12.96
C LYS B 7 7.69 30.53 -14.35
N VAL B 8 8.42 29.47 -14.69
CA VAL B 8 8.33 28.77 -15.95
C VAL B 8 7.94 27.33 -15.66
N VAL B 9 6.83 26.92 -16.28
CA VAL B 9 6.27 25.60 -16.10
C VAL B 9 6.24 24.83 -17.40
N ILE B 10 6.84 23.64 -17.42
CA ILE B 10 6.79 22.75 -18.58
C ILE B 10 5.73 21.68 -18.35
N ILE B 11 4.81 21.54 -19.32
CA ILE B 11 3.77 20.51 -19.28
C ILE B 11 3.85 19.66 -20.54
N THR B 12 4.27 18.40 -20.40
CA THR B 12 4.34 17.53 -21.53
C THR B 12 2.91 17.08 -21.83
N GLY B 13 2.62 16.90 -23.12
CA GLY B 13 1.27 16.55 -23.54
C GLY B 13 0.30 17.65 -23.12
N GLY B 14 0.68 18.91 -23.27
CA GLY B 14 -0.15 20.01 -22.76
C GLY B 14 -1.18 20.62 -23.70
N SER B 15 -1.40 20.02 -24.86
CA SER B 15 -2.32 20.61 -25.85
C SER B 15 -3.77 20.13 -25.75
N SER B 16 -4.03 19.16 -24.88
CA SER B 16 -5.38 18.66 -24.73
C SER B 16 -5.56 17.97 -23.37
N GLY B 17 -6.81 17.69 -23.03
CA GLY B 17 -7.17 16.98 -21.81
C GLY B 17 -6.66 17.59 -20.51
N GLY B 19 -3.65 17.92 -19.45
CA GLY B 19 -2.50 18.76 -19.77
C GLY B 19 -2.92 20.19 -19.99
N LYS B 20 -3.92 20.38 -20.84
CA LYS B 20 -4.39 21.71 -21.16
C LYS B 20 -5.11 22.35 -19.98
N GLY B 21 -5.77 21.54 -19.16
CA GLY B 21 -6.43 22.06 -17.97
C GLY B 21 -5.39 22.65 -17.02
N ALA B 23 -2.26 23.71 -17.87
CA ALA B 23 -1.70 24.85 -18.54
C ALA B 23 -2.60 26.08 -18.38
N THR B 24 -3.90 25.88 -18.54
CA THR B 24 -4.86 26.97 -18.40
C THR B 24 -4.74 27.64 -17.03
N ARG B 25 -4.68 26.85 -15.96
CA ARG B 25 -4.55 27.39 -14.59
C ARG B 25 -3.22 28.12 -14.35
N PHE B 26 -2.10 27.51 -14.70
CA PHE B 26 -0.81 28.17 -14.51
C PHE B 26 -0.74 29.47 -15.29
N ALA B 27 -1.29 29.50 -16.50
CA ALA B 27 -1.28 30.72 -17.30
C ALA B 27 -2.17 31.80 -16.69
N LYS B 28 -3.33 31.43 -16.16
CA LYS B 28 -4.19 32.45 -15.53
C LYS B 28 -3.49 33.05 -14.32
N GLU B 29 -2.66 32.26 -13.66
CA GLU B 29 -1.92 32.71 -12.48
C GLU B 29 -0.68 33.49 -12.91
N GLY B 30 -0.47 33.63 -14.23
CA GLY B 30 0.62 34.46 -14.76
C GLY B 30 1.97 33.80 -15.03
N ALA B 31 2.07 32.49 -14.87
CA ALA B 31 3.33 31.83 -15.16
C ALA B 31 3.56 31.74 -16.67
N ARG B 32 4.82 31.54 -17.05
CA ARG B 32 5.15 31.24 -18.43
C ARG B 32 4.93 29.74 -18.49
N VAL B 33 4.30 29.29 -19.56
CA VAL B 33 3.98 27.88 -19.71
C VAL B 33 4.50 27.35 -21.02
N VAL B 34 5.20 26.23 -20.95
CA VAL B 34 5.72 25.57 -22.12
C VAL B 34 4.91 24.32 -22.28
N ILE B 35 4.20 24.18 -23.40
CA ILE B 35 3.43 22.96 -23.64
C ILE B 35 4.08 22.21 -24.79
N THR B 36 4.15 20.88 -24.65
CA THR B 36 4.74 20.02 -25.67
C THR B 36 3.71 19.11 -26.28
N GLY B 37 3.96 18.66 -27.49
CA GLY B 37 3.03 17.77 -28.15
C GLY B 37 3.60 17.39 -29.48
N ARG B 38 2.98 16.40 -30.13
CA ARG B 38 3.46 15.87 -31.42
C ARG B 38 2.89 16.56 -32.64
N THR B 39 1.73 17.21 -32.47
CA THR B 39 1.08 17.81 -33.61
C THR B 39 1.00 19.33 -33.50
N LYS B 40 1.45 20.01 -34.55
CA LYS B 40 1.51 21.48 -34.58
C LYS B 40 0.14 22.12 -34.40
N GLU B 41 -0.84 21.61 -35.12
CA GLU B 41 -2.20 22.13 -35.10
C GLU B 41 -2.80 22.17 -33.69
N LYS B 42 -2.69 21.07 -32.96
CA LYS B 42 -3.26 21.00 -31.62
C LYS B 42 -2.56 21.96 -30.68
N LEU B 43 -1.24 22.09 -30.84
CA LEU B 43 -0.45 23.02 -30.03
C LEU B 43 -0.86 24.48 -30.27
N GLU B 44 -1.08 24.86 -31.52
CA GLU B 44 -1.50 26.24 -31.82
C GLU B 44 -2.93 26.51 -31.32
N GLU B 45 -3.79 25.50 -31.36
CA GLU B 45 -5.16 25.61 -30.88
C GLU B 45 -5.15 25.81 -29.36
N ALA B 46 -4.40 24.99 -28.67
CA ALA B 46 -4.29 25.09 -27.21
C ALA B 46 -3.69 26.42 -26.80
N LYS B 47 -2.65 26.88 -27.48
CA LYS B 47 -2.02 28.16 -27.13
C LYS B 47 -3.02 29.29 -27.17
N LEU B 48 -3.71 29.39 -28.30
CA LEU B 48 -4.72 30.43 -28.51
C LEU B 48 -5.76 30.42 -27.40
N GLU B 49 -6.17 29.23 -27.00
CA GLU B 49 -7.17 29.10 -25.98
C GLU B 49 -6.70 29.49 -24.58
N ILE B 50 -5.45 29.23 -24.24
CA ILE B 50 -5.01 29.47 -22.86
C ILE B 50 -4.16 30.73 -22.60
N GLU B 51 -3.58 31.30 -23.66
CA GLU B 51 -2.66 32.43 -23.49
C GLU B 51 -3.33 33.71 -22.99
N GLN B 52 -2.71 34.35 -22.00
CA GLN B 52 -3.24 35.58 -21.42
C GLN B 52 -2.53 36.81 -22.01
N PHE B 53 -1.30 36.64 -22.49
CA PHE B 53 -0.56 37.74 -23.09
C PHE B 53 0.48 37.22 -24.06
N PRO B 54 0.80 38.01 -25.08
CA PRO B 54 1.75 37.60 -26.12
C PRO B 54 3.06 37.04 -25.59
N GLY B 55 3.38 35.83 -26.02
CA GLY B 55 4.62 35.17 -25.65
C GLY B 55 4.63 34.48 -24.31
N GLN B 56 3.48 34.42 -23.63
CA GLN B 56 3.42 33.74 -22.34
C GLN B 56 3.55 32.23 -22.52
N ILE B 57 3.02 31.74 -23.63
CA ILE B 57 3.01 30.31 -23.90
C ILE B 57 4.02 29.96 -24.98
N LEU B 58 4.86 28.97 -24.71
CA LEU B 58 5.80 28.49 -25.70
C LEU B 58 5.37 27.08 -26.07
N THR B 59 5.10 26.87 -27.35
CA THR B 59 4.72 25.55 -27.83
C THR B 59 5.95 24.87 -28.40
N VAL B 60 6.14 23.60 -28.05
CA VAL B 60 7.28 22.87 -28.55
C VAL B 60 6.79 21.55 -29.15
N GLN B 61 6.99 21.38 -30.46
CA GLN B 61 6.58 20.15 -31.12
C GLN B 61 7.75 19.21 -30.95
N ASP B 63 8.99 14.94 -29.24
CA ASP B 63 8.67 13.59 -28.81
C ASP B 63 9.46 13.30 -27.51
N VAL B 64 8.77 12.99 -26.42
CA VAL B 64 9.45 12.75 -25.14
C VAL B 64 10.36 11.52 -25.16
N ARG B 65 10.27 10.69 -26.19
CA ARG B 65 11.15 9.52 -26.31
C ARG B 65 12.48 9.89 -26.93
N ASN B 66 12.60 11.10 -27.45
CA ASN B 66 13.82 11.53 -28.12
C ASN B 66 14.65 12.50 -27.24
N THR B 67 15.77 12.01 -26.74
CA THR B 67 16.63 12.78 -25.86
C THR B 67 17.22 14.03 -26.55
N ASP B 68 17.44 13.96 -27.86
CA ASP B 68 17.88 15.16 -28.60
C ASP B 68 16.79 16.23 -28.63
N ASP B 69 15.52 15.82 -28.76
CA ASP B 69 14.38 16.76 -28.70
C ASP B 69 14.33 17.42 -27.31
N ILE B 70 14.52 16.62 -26.27
CA ILE B 70 14.52 17.17 -24.90
C ILE B 70 15.64 18.19 -24.69
N GLN B 71 16.88 17.90 -25.09
N GLN B 71 16.84 17.84 -25.15
CA GLN B 71 17.95 18.91 -24.92
CA GLN B 71 18.00 18.73 -25.10
C GLN B 71 17.68 20.16 -25.76
C GLN B 71 17.72 20.08 -25.78
N LYS B 72 17.13 20.00 -26.97
CA LYS B 72 16.81 21.19 -27.79
C LYS B 72 15.78 22.08 -27.11
N ILE B 74 15.16 22.27 -23.84
CA ILE B 74 15.77 22.93 -22.66
C ILE B 74 16.57 24.17 -23.11
N GLU B 75 17.38 24.00 -24.15
CA GLU B 75 18.15 25.12 -24.69
C GLU B 75 17.27 26.28 -25.12
N GLN B 76 16.19 25.96 -25.85
CA GLN B 76 15.25 26.97 -26.34
C GLN B 76 14.58 27.72 -25.19
N ILE B 77 14.19 26.99 -24.15
CA ILE B 77 13.55 27.60 -23.00
C ILE B 77 14.53 28.50 -22.27
N ASP B 78 15.74 27.99 -22.04
CA ASP B 78 16.76 28.74 -21.31
C ASP B 78 17.10 30.04 -22.04
N GLU B 79 17.21 29.96 -23.36
CA GLU B 79 17.50 31.14 -24.17
C GLU B 79 16.36 32.17 -24.10
N LYS B 80 15.13 31.69 -24.07
CA LYS B 80 13.98 32.58 -24.11
C LYS B 80 13.56 33.13 -22.76
N PHE B 81 13.56 32.27 -21.74
CA PHE B 81 13.09 32.65 -20.41
C PHE B 81 14.19 32.65 -19.35
N GLY B 82 15.29 31.95 -19.61
CA GLY B 82 16.41 31.95 -18.67
C GLY B 82 16.22 31.12 -17.41
N ARG B 83 15.12 30.37 -17.32
CA ARG B 83 14.86 29.54 -16.16
C ARG B 83 13.80 28.48 -16.44
N ILE B 84 13.75 27.48 -15.56
CA ILE B 84 12.73 26.45 -15.60
C ILE B 84 12.46 26.16 -14.15
N ASP B 85 11.21 26.25 -13.73
CA ASP B 85 10.88 26.01 -12.32
C ASP B 85 10.14 24.72 -12.01
N ILE B 86 9.27 24.32 -12.93
CA ILE B 86 8.36 23.19 -12.72
C ILE B 86 8.26 22.33 -13.97
N LEU B 87 8.28 21.00 -13.77
CA LEU B 87 8.07 20.03 -14.81
C LEU B 87 6.90 19.13 -14.44
N ILE B 88 5.91 19.07 -15.32
CA ILE B 88 4.77 18.20 -15.16
C ILE B 88 4.83 17.16 -16.29
N ASN B 89 5.08 15.90 -15.92
CA ASN B 89 5.15 14.80 -16.89
C ASN B 89 3.75 14.24 -17.06
N ASN B 90 3.13 14.64 -18.15
CA ASN B 90 1.76 14.30 -18.42
C ASN B 90 1.64 13.50 -19.71
N ALA B 91 2.53 13.75 -20.66
CA ALA B 91 2.50 13.01 -21.92
C ALA B 91 2.18 11.55 -21.59
N ALA B 92 1.17 11.03 -22.26
CA ALA B 92 0.74 9.67 -22.04
C ALA B 92 0.17 9.07 -23.34
N GLY B 93 -0.04 7.76 -23.33
CA GLY B 93 -0.65 7.00 -24.42
C GLY B 93 -1.39 5.87 -23.73
N ASN B 94 -2.64 5.58 -24.17
CA ASN B 94 -3.45 4.50 -23.53
C ASN B 94 -4.65 4.02 -24.42
N PHE B 95 -5.10 2.78 -24.16
CA PHE B 95 -6.14 2.12 -24.92
C PHE B 95 -6.35 0.77 -24.26
N ILE B 96 -7.48 0.13 -24.51
CA ILE B 96 -7.74 -1.18 -23.90
C ILE B 96 -7.34 -2.31 -24.84
N CYS B 97 -6.73 -3.36 -24.30
CA CYS B 97 -6.34 -4.53 -25.07
C CYS B 97 -6.06 -5.67 -24.11
N PRO B 98 -6.62 -6.86 -24.36
CA PRO B 98 -6.28 -7.99 -23.45
C PRO B 98 -4.77 -8.23 -23.51
N ALA B 99 -4.16 -8.56 -22.38
CA ALA B 99 -2.70 -8.69 -22.30
C ALA B 99 -2.13 -9.67 -23.30
N GLU B 100 -2.85 -10.76 -23.55
CA GLU B 100 -2.36 -11.75 -24.49
C GLU B 100 -2.47 -11.33 -25.96
N ASP B 101 -3.23 -10.27 -26.25
CA ASP B 101 -3.42 -9.81 -27.63
C ASP B 101 -2.56 -8.60 -27.96
N LEU B 102 -1.90 -8.03 -26.96
CA LEU B 102 -1.15 -6.82 -27.16
C LEU B 102 0.10 -7.08 -28.02
N SER B 103 0.33 -6.26 -29.04
CA SER B 103 1.49 -6.46 -29.88
C SER B 103 2.71 -5.99 -29.12
N VAL B 104 3.86 -6.54 -29.51
CA VAL B 104 5.12 -6.12 -28.92
C VAL B 104 5.30 -4.62 -29.17
N ASN B 105 4.95 -4.13 -30.35
N ASN B 105 4.93 -4.14 -30.35
CA ASN B 105 5.06 -2.69 -30.62
CA ASN B 105 5.04 -2.72 -30.65
C ASN B 105 4.12 -1.84 -29.77
C ASN B 105 4.14 -1.88 -29.75
N GLY B 106 2.92 -2.36 -29.52
CA GLY B 106 1.97 -1.67 -28.67
C GLY B 106 2.50 -1.58 -27.25
N TRP B 107 2.96 -2.70 -26.69
CA TRP B 107 3.52 -2.70 -25.34
C TRP B 107 4.70 -1.73 -25.28
N ASN B 108 5.65 -1.90 -26.19
CA ASN B 108 6.86 -1.07 -26.22
C ASN B 108 6.56 0.42 -26.34
N SER B 109 5.60 0.78 -27.18
CA SER B 109 5.27 2.19 -27.39
C SER B 109 4.77 2.86 -26.10
N VAL B 110 3.93 2.15 -25.34
CA VAL B 110 3.43 2.70 -24.08
C VAL B 110 4.57 2.74 -23.03
N ILE B 111 5.35 1.69 -22.90
CA ILE B 111 6.49 1.75 -21.97
C ILE B 111 7.44 2.93 -22.34
N ASN B 112 7.70 3.12 -23.62
N ASN B 112 7.69 3.12 -23.62
CA ASN B 112 8.63 4.16 -24.06
CA ASN B 112 8.65 4.14 -24.05
C ASN B 112 8.14 5.57 -23.80
C ASN B 112 8.16 5.58 -23.86
N ILE B 113 6.88 5.84 -24.13
CA ILE B 113 6.30 7.18 -23.94
C ILE B 113 6.11 7.54 -22.48
N VAL B 114 5.45 6.66 -21.74
CA VAL B 114 5.11 6.93 -20.36
C VAL B 114 6.26 6.77 -19.38
N LEU B 115 6.92 5.62 -19.39
CA LEU B 115 7.97 5.38 -18.42
C LEU B 115 9.28 6.00 -18.88
N ASN B 116 9.78 5.60 -20.04
CA ASN B 116 11.06 6.10 -20.52
C ASN B 116 11.04 7.61 -20.78
N GLY B 117 10.01 8.11 -21.44
CA GLY B 117 9.86 9.53 -21.67
C GLY B 117 9.84 10.35 -20.37
N THR B 118 9.23 9.83 -19.33
CA THR B 118 9.18 10.56 -18.07
C THR B 118 10.59 10.57 -17.47
N PHE B 119 11.30 9.46 -17.60
CA PHE B 119 12.66 9.42 -17.10
C PHE B 119 13.58 10.36 -17.88
N TYR B 120 13.49 10.35 -19.21
CA TYR B 120 14.34 11.22 -20.03
C TYR B 120 14.12 12.67 -19.72
N CYS B 121 12.86 13.09 -19.62
CA CYS B 121 12.56 14.49 -19.31
C CYS B 121 12.98 14.89 -17.89
N SER B 122 12.73 14.01 -16.94
CA SER B 122 13.05 14.25 -15.54
C SER B 122 14.56 14.34 -15.34
N GLN B 123 15.31 13.44 -15.96
CA GLN B 123 16.75 13.47 -15.80
C GLN B 123 17.36 14.70 -16.45
N ALA B 124 16.87 15.08 -17.62
CA ALA B 124 17.42 16.24 -18.30
C ALA B 124 17.14 17.55 -17.55
N ILE B 125 15.93 17.68 -17.05
CA ILE B 125 15.53 18.87 -16.31
C ILE B 125 16.25 18.89 -14.97
N GLY B 126 16.37 17.73 -14.34
CA GLY B 126 17.08 17.62 -13.06
C GLY B 126 18.53 18.08 -13.19
N LYS B 127 19.20 17.63 -14.23
CA LYS B 127 20.58 18.04 -14.48
C LYS B 127 20.68 19.56 -14.73
N TYR B 128 19.70 20.11 -15.43
CA TYR B 128 19.68 21.56 -15.64
C TYR B 128 19.54 22.28 -14.28
N TRP B 129 18.68 21.77 -13.41
CA TRP B 129 18.51 22.35 -12.07
C TRP B 129 19.75 22.20 -11.22
N ILE B 130 20.35 21.04 -11.27
CA ILE B 130 21.56 20.77 -10.54
C ILE B 130 22.66 21.76 -10.94
N GLU B 131 22.86 21.99 -12.24
CA GLU B 131 23.93 22.89 -12.67
C GLU B 131 23.69 24.36 -12.27
N LYS B 132 22.42 24.77 -12.25
CA LYS B 132 22.06 26.14 -11.87
C LYS B 132 21.67 26.36 -10.40
N GLY B 133 21.67 25.31 -9.58
CA GLY B 133 21.28 25.44 -8.17
C GLY B 133 19.80 25.80 -7.94
N ILE B 134 18.93 25.32 -8.83
CA ILE B 134 17.49 25.61 -8.73
C ILE B 134 16.78 24.49 -7.95
N LYS B 135 15.92 24.88 -7.01
N LYS B 135 15.91 24.88 -7.02
CA LYS B 135 15.15 23.93 -6.23
CA LYS B 135 15.17 23.92 -6.23
C LYS B 135 13.86 23.69 -6.97
C LYS B 135 13.87 23.67 -6.95
N GLY B 136 13.93 22.82 -7.97
CA GLY B 136 12.78 22.55 -8.80
C GLY B 136 11.70 21.69 -8.19
N ASN B 137 10.65 21.51 -8.98
N ASN B 137 10.60 21.58 -8.94
CA ASN B 137 9.50 20.74 -8.59
CA ASN B 137 9.45 20.76 -8.58
C ASN B 137 9.02 19.92 -9.78
C ASN B 137 9.05 19.91 -9.78
N ILE B 138 8.83 18.62 -9.56
CA ILE B 138 8.36 17.72 -10.60
C ILE B 138 7.03 17.11 -10.12
N ILE B 139 6.06 17.06 -11.02
CA ILE B 139 4.78 16.42 -10.77
C ILE B 139 4.56 15.40 -11.88
N ASN B 140 4.44 14.13 -11.50
CA ASN B 140 4.17 13.08 -12.45
C ASN B 140 2.70 12.64 -12.39
N VAL B 142 0.07 9.94 -12.68
CA VAL B 142 -0.06 8.48 -12.71
C VAL B 142 -1.57 8.11 -12.79
N ALA B 143 -1.94 6.92 -12.35
CA ALA B 143 -3.32 6.49 -12.34
C ALA B 143 -3.48 5.60 -11.13
N THR B 144 -4.70 5.44 -10.64
CA THR B 144 -4.91 4.62 -9.45
C THR B 144 -4.64 3.14 -9.70
N TYR B 145 -4.68 2.71 -10.94
CA TYR B 145 -4.36 1.32 -11.23
C TYR B 145 -2.85 1.07 -11.18
N ALA B 146 -2.06 2.12 -10.96
CA ALA B 146 -0.59 1.97 -10.88
C ALA B 146 -0.11 1.16 -9.65
N TRP B 147 -0.94 1.02 -8.62
CA TRP B 147 -0.51 0.28 -7.44
C TRP B 147 -1.41 -0.88 -7.12
N ASP B 148 -2.10 -1.31 -8.15
CA ASP B 148 -3.01 -2.41 -8.02
C ASP B 148 -2.97 -3.10 -9.40
N ALA B 149 -4.07 -3.70 -9.79
CA ALA B 149 -4.20 -4.34 -11.12
C ALA B 149 -4.89 -3.35 -12.07
N GLY B 150 -4.48 -3.37 -13.34
CA GLY B 150 -5.07 -2.55 -14.40
C GLY B 150 -5.51 -3.45 -15.55
N PRO B 151 -6.52 -4.28 -15.31
CA PRO B 151 -6.96 -5.21 -16.36
C PRO B 151 -7.44 -4.49 -17.60
N GLY B 152 -6.93 -4.94 -18.73
CA GLY B 152 -7.23 -4.32 -20.02
C GLY B 152 -6.26 -3.21 -20.38
N VAL B 153 -5.52 -2.70 -19.41
CA VAL B 153 -4.52 -1.66 -19.66
C VAL B 153 -3.17 -2.01 -19.04
N ILE B 154 -2.72 -3.25 -19.21
CA ILE B 154 -1.51 -3.74 -18.54
C ILE B 154 -0.29 -2.93 -18.88
N HIS B 155 -0.20 -2.48 -20.13
CA HIS B 155 0.87 -1.61 -20.55
C HIS B 155 0.94 -0.34 -19.73
N SER B 156 -0.19 0.36 -19.61
N SER B 156 -0.20 0.34 -19.61
CA SER B 156 -0.23 1.61 -18.83
CA SER B 156 -0.27 1.59 -18.86
C SER B 156 -0.05 1.35 -17.34
C SER B 156 -0.06 1.35 -17.35
N ALA B 157 -0.63 0.25 -16.85
CA ALA B 157 -0.47 -0.08 -15.44
C ALA B 157 1.02 -0.27 -15.11
N ALA B 158 1.72 -1.03 -15.94
CA ALA B 158 3.16 -1.27 -15.73
C ALA B 158 3.96 0.02 -15.83
N ALA B 159 3.71 0.81 -16.87
CA ALA B 159 4.44 2.05 -17.08
C ALA B 159 4.23 3.03 -15.94
N LYS B 160 2.99 3.24 -15.55
CA LYS B 160 2.64 4.16 -14.47
C LYS B 160 3.14 3.69 -13.10
N ALA B 161 3.18 2.38 -12.88
CA ALA B 161 3.76 1.85 -11.66
C ALA B 161 5.25 2.19 -11.67
N GLY B 162 5.90 2.07 -12.82
CA GLY B 162 7.30 2.44 -12.92
C GLY B 162 7.48 3.94 -12.62
N VAL B 163 6.58 4.78 -13.15
CA VAL B 163 6.65 6.21 -12.90
C VAL B 163 6.45 6.55 -11.41
N LEU B 164 5.52 5.87 -10.73
CA LEU B 164 5.35 6.05 -9.29
C LEU B 164 6.63 5.68 -8.51
N ALA B 165 7.27 4.56 -8.85
CA ALA B 165 8.53 4.17 -8.19
C ALA B 165 9.60 5.24 -8.44
N THR B 167 9.12 8.37 -9.02
CA THR B 167 8.71 9.56 -8.27
C THR B 167 9.22 9.50 -6.84
N LYS B 168 8.98 8.37 -6.19
CA LYS B 168 9.42 8.20 -4.82
C LYS B 168 10.96 8.15 -4.72
N THR B 169 11.59 7.54 -5.70
CA THR B 169 13.05 7.42 -5.67
C THR B 169 13.72 8.78 -5.84
N LEU B 170 13.25 9.57 -6.79
CA LEU B 170 13.80 10.92 -6.98
C LEU B 170 13.48 11.82 -5.79
N ALA B 171 12.31 11.66 -5.17
CA ALA B 171 12.00 12.49 -4.00
C ALA B 171 13.06 12.28 -2.92
N VAL B 172 13.50 11.05 -2.74
CA VAL B 172 14.54 10.76 -1.76
C VAL B 172 15.91 11.24 -2.23
N GLU B 173 16.35 10.82 -3.40
CA GLU B 173 17.71 11.16 -3.90
C GLU B 173 17.91 12.64 -4.11
N TRP B 174 17.01 13.25 -4.87
CA TRP B 174 17.13 14.66 -5.20
C TRP B 174 16.61 15.61 -4.12
N GLY B 175 15.61 15.16 -3.38
CA GLY B 175 15.11 15.93 -2.27
C GLY B 175 16.28 16.13 -1.31
N ARG B 176 16.99 15.07 -1.02
CA ARG B 176 18.09 15.17 -0.09
C ARG B 176 19.31 15.90 -0.64
N LYS B 177 19.73 15.58 -1.84
CA LYS B 177 20.97 16.16 -2.36
C LYS B 177 20.83 17.60 -2.90
N TYR B 178 19.67 17.92 -3.47
CA TYR B 178 19.49 19.20 -4.15
C TYR B 178 18.24 19.99 -3.73
N GLY B 179 17.41 19.43 -2.84
CA GLY B 179 16.20 20.11 -2.43
C GLY B 179 15.13 20.20 -3.51
N ILE B 180 15.21 19.29 -4.48
CA ILE B 180 14.23 19.14 -5.54
C ILE B 180 13.07 18.24 -5.07
N ARG B 181 11.83 18.72 -5.19
CA ARG B 181 10.64 17.95 -4.80
C ARG B 181 10.02 17.21 -6.00
N VAL B 182 9.58 15.99 -5.73
CA VAL B 182 8.98 15.14 -6.73
C VAL B 182 7.76 14.48 -6.12
N ASN B 183 6.62 14.65 -6.79
CA ASN B 183 5.38 14.08 -6.37
C ASN B 183 4.57 13.60 -7.59
N ALA B 184 3.45 12.95 -7.30
CA ALA B 184 2.56 12.44 -8.33
C ALA B 184 1.12 12.74 -8.03
N ILE B 185 0.34 12.81 -9.10
CA ILE B 185 -1.10 12.94 -9.00
C ILE B 185 -1.73 11.73 -9.68
N ALA B 186 -2.68 11.12 -9.00
CA ALA B 186 -3.46 9.99 -9.53
C ALA B 186 -4.93 10.42 -9.71
N PRO B 187 -5.29 10.84 -10.93
CA PRO B 187 -6.68 11.21 -11.18
C PRO B 187 -7.61 10.02 -11.37
N GLY B 188 -8.89 10.22 -11.05
CA GLY B 188 -9.89 9.20 -11.30
C GLY B 188 -10.47 9.53 -12.64
N PRO B 189 -11.74 9.20 -12.87
CA PRO B 189 -12.33 9.52 -14.17
C PRO B 189 -12.62 11.02 -14.25
N ILE B 190 -12.09 11.67 -15.28
CA ILE B 190 -12.20 13.12 -15.46
C ILE B 190 -12.86 13.44 -16.80
N GLU B 191 -13.89 14.28 -16.75
CA GLU B 191 -14.59 14.66 -17.96
C GLU B 191 -13.67 15.43 -18.93
N ARG B 192 -13.97 15.34 -20.21
CA ARG B 192 -13.20 16.03 -21.25
C ARG B 192 -11.75 15.52 -21.36
N THR B 193 -11.57 14.22 -21.16
CA THR B 193 -10.25 13.59 -21.25
C THR B 193 -10.35 12.17 -21.81
N GLY B 194 -11.42 11.87 -22.54
CA GLY B 194 -11.64 10.53 -23.09
C GLY B 194 -10.50 9.99 -23.93
N GLY B 195 -10.10 8.75 -23.66
CA GLY B 195 -9.03 8.07 -24.38
C GLY B 195 -9.52 7.44 -25.67
N ALA B 196 -9.03 6.23 -25.98
CA ALA B 196 -9.41 5.52 -27.21
C ALA B 196 -10.25 4.25 -26.96
N ASP B 197 -9.89 3.48 -25.95
CA ASP B 197 -10.60 2.25 -25.65
C ASP B 197 -10.39 1.24 -26.79
N GLU B 203 -22.96 2.46 -23.21
CA GLU B 203 -22.95 3.23 -21.96
C GLU B 203 -23.30 2.37 -20.75
N GLU B 204 -23.51 1.08 -21.01
CA GLU B 204 -23.78 0.10 -19.97
C GLU B 204 -22.86 0.38 -18.79
N ALA B 206 -20.70 2.77 -18.74
CA ALA B 206 -20.54 4.22 -18.56
C ALA B 206 -21.23 4.71 -17.29
N LYS B 207 -22.56 4.68 -17.27
CA LYS B 207 -23.27 5.13 -16.09
C LYS B 207 -22.87 4.27 -14.90
N ARG B 208 -22.51 3.02 -15.16
CA ARG B 208 -22.07 2.10 -14.10
C ARG B 208 -20.78 2.58 -13.44
N THR B 209 -19.89 3.18 -14.23
CA THR B 209 -18.65 3.68 -13.68
C THR B 209 -18.94 4.91 -12.81
N ILE B 210 -19.91 5.74 -13.19
CA ILE B 210 -20.27 6.88 -12.33
C ILE B 210 -20.81 6.33 -11.02
N GLN B 211 -21.57 5.24 -11.11
CA GLN B 211 -22.09 4.56 -9.92
C GLN B 211 -20.91 4.08 -9.07
N SER B 212 -19.82 3.73 -9.73
CA SER B 212 -18.58 3.25 -9.07
C SER B 212 -17.84 4.32 -8.26
N VAL B 213 -18.10 5.59 -8.55
CA VAL B 213 -17.52 6.70 -7.79
C VAL B 213 -18.46 7.06 -6.63
N PRO B 214 -18.00 6.90 -5.38
CA PRO B 214 -18.86 7.24 -4.25
C PRO B 214 -19.50 8.63 -4.42
N LEU B 215 -18.72 9.62 -4.85
CA LEU B 215 -19.28 10.94 -5.05
C LEU B 215 -20.26 11.07 -6.23
N GLY B 216 -20.42 10.02 -7.03
CA GLY B 216 -21.41 9.98 -8.10
C GLY B 216 -21.21 10.93 -9.27
N ARG B 217 -19.97 11.26 -9.57
CA ARG B 217 -19.70 12.12 -10.71
C ARG B 217 -18.26 11.98 -11.15
N LEU B 218 -17.98 12.53 -12.33
CA LEU B 218 -16.63 12.59 -12.84
C LEU B 218 -15.93 13.81 -12.27
N GLY B 219 -14.61 13.75 -12.21
CA GLY B 219 -13.82 14.88 -11.76
C GLY B 219 -13.73 15.84 -12.94
N THR B 220 -13.09 17.00 -12.73
CA THR B 220 -12.91 17.93 -13.85
C THR B 220 -11.42 18.29 -14.04
N PRO B 221 -11.05 18.74 -15.25
CA PRO B 221 -9.68 19.17 -15.43
C PRO B 221 -9.32 20.39 -14.57
N GLU B 222 -10.31 21.22 -14.21
CA GLU B 222 -10.02 22.39 -13.40
C GLU B 222 -9.65 21.99 -11.96
N GLU B 223 -10.32 20.96 -11.46
CA GLU B 223 -10.01 20.41 -10.12
C GLU B 223 -8.60 19.80 -10.12
N ILE B 224 -8.29 19.05 -11.17
CA ILE B 224 -6.95 18.50 -11.30
C ILE B 224 -5.92 19.63 -11.32
N ALA B 225 -6.23 20.69 -12.07
CA ALA B 225 -5.33 21.83 -12.16
C ALA B 225 -5.12 22.49 -10.79
N GLY B 226 -6.18 22.60 -9.98
CA GLY B 226 -6.06 23.17 -8.64
C GLY B 226 -5.18 22.34 -7.72
N LEU B 227 -5.17 21.02 -7.90
CA LEU B 227 -4.28 20.15 -7.07
C LEU B 227 -2.81 20.37 -7.48
N ALA B 228 -2.56 20.41 -8.78
CA ALA B 228 -1.21 20.63 -9.29
C ALA B 228 -0.74 22.03 -8.88
N TYR B 229 -1.63 23.00 -8.93
CA TYR B 229 -1.26 24.36 -8.50
C TYR B 229 -0.93 24.39 -7.00
N TYR B 230 -1.78 23.77 -6.19
CA TYR B 230 -1.46 23.70 -4.75
C TYR B 230 -0.11 22.99 -4.54
N LEU B 231 0.11 21.86 -5.19
CA LEU B 231 1.39 21.15 -5.05
C LEU B 231 2.60 21.95 -5.40
N CYS B 232 2.46 22.95 -6.27
CA CYS B 232 3.58 23.81 -6.61
C CYS B 232 3.66 25.10 -5.77
N SER B 233 2.73 25.33 -4.84
CA SER B 233 2.72 26.57 -4.07
C SER B 233 3.75 26.50 -2.95
N ASP B 234 4.13 27.65 -2.41
CA ASP B 234 5.11 27.67 -1.32
C ASP B 234 4.57 26.91 -0.08
N GLU B 235 3.26 26.94 0.13
CA GLU B 235 2.63 26.26 1.27
C GLU B 235 2.88 24.77 1.26
N ALA B 236 3.05 24.23 0.05
CA ALA B 236 3.26 22.80 -0.16
C ALA B 236 4.71 22.35 -0.17
N ALA B 237 5.62 23.25 0.18
CA ALA B 237 7.04 22.94 0.12
C ALA B 237 7.51 21.68 0.90
N TYR B 238 6.73 21.19 1.85
CA TYR B 238 7.14 19.98 2.61
C TYR B 238 6.51 18.71 2.08
N ILE B 239 5.78 18.80 1.00
CA ILE B 239 5.20 17.62 0.40
C ILE B 239 6.21 17.11 -0.61
N ASN B 240 6.64 15.87 -0.43
CA ASN B 240 7.65 15.28 -1.26
C ASN B 240 7.55 13.77 -1.23
N GLY B 241 7.62 13.15 -2.42
CA GLY B 241 7.58 11.68 -2.56
C GLY B 241 6.22 11.04 -2.32
N THR B 242 5.16 11.80 -2.53
CA THR B 242 3.85 11.25 -2.33
C THR B 242 3.02 11.27 -3.61
N CYS B 243 1.92 10.55 -3.58
CA CYS B 243 0.99 10.49 -4.67
C CYS B 243 -0.35 11.00 -4.13
N THR B 245 -4.17 11.37 -4.65
CA THR B 245 -5.23 10.78 -5.44
C THR B 245 -6.47 11.68 -5.46
N ASP B 247 -10.03 11.09 -6.97
CA ASP B 247 -10.95 10.21 -7.70
C ASP B 247 -12.30 10.00 -7.06
N GLY B 248 -12.66 10.88 -6.12
CA GLY B 248 -13.96 10.78 -5.45
C GLY B 248 -14.15 9.52 -4.63
N GLY B 249 -13.08 8.76 -4.42
CA GLY B 249 -13.12 7.48 -3.68
C GLY B 249 -13.26 6.24 -4.53
N GLN B 250 -13.18 6.40 -5.85
CA GLN B 250 -13.43 5.30 -6.77
C GLN B 250 -12.54 4.07 -6.61
N HIS B 251 -11.24 4.28 -6.36
CA HIS B 251 -10.31 3.16 -6.32
C HIS B 251 -10.50 2.25 -5.09
N LEU B 252 -11.26 2.71 -4.10
CA LEU B 252 -11.52 1.91 -2.90
C LEU B 252 -12.57 0.82 -3.12
N HIS B 253 -12.58 -0.19 -2.25
CA HIS B 253 -13.58 -1.24 -2.32
C HIS B 253 -14.95 -0.60 -2.10
N GLN B 254 -15.90 -0.93 -2.97
CA GLN B 254 -17.24 -0.33 -2.92
C GLN B 254 -18.27 -1.19 -2.17
N TYR B 255 -17.93 -2.47 -1.96
CA TYR B 255 -18.78 -3.41 -1.22
C TYR B 255 -17.87 -4.35 -0.39
N PRO B 256 -18.37 -4.88 0.74
CA PRO B 256 -17.60 -5.80 1.58
C PRO B 256 -17.70 -7.25 1.10
N ALA C 3 2.68 -34.58 -8.03
CA ALA C 3 2.56 -34.43 -9.50
C ALA C 3 3.79 -33.77 -10.08
N LYS C 5 6.79 -34.58 -10.35
CA LYS C 5 7.52 -35.51 -11.22
C LYS C 5 7.19 -35.31 -12.70
N GLU C 6 5.95 -34.95 -12.97
CA GLU C 6 5.49 -34.79 -14.34
C GLU C 6 5.51 -33.32 -14.82
N LYS C 7 6.02 -32.41 -14.01
CA LYS C 7 6.02 -31.00 -14.37
C LYS C 7 7.31 -30.48 -15.00
N VAL C 8 7.17 -29.40 -15.77
CA VAL C 8 8.26 -28.73 -16.45
C VAL C 8 8.26 -27.27 -15.98
N VAL C 9 9.39 -26.86 -15.40
CA VAL C 9 9.57 -25.55 -14.84
C VAL C 9 10.63 -24.77 -15.59
N ILE C 10 10.29 -23.56 -16.05
CA ILE C 10 11.25 -22.69 -16.72
C ILE C 10 11.70 -21.62 -15.74
N ILE C 11 13.01 -21.47 -15.58
CA ILE C 11 13.58 -20.45 -14.70
C ILE C 11 14.55 -19.62 -15.50
N THR C 12 14.20 -18.35 -15.74
CA THR C 12 15.08 -17.46 -16.46
C THR C 12 16.16 -17.01 -15.49
N GLY C 13 17.38 -16.81 -16.00
CA GLY C 13 18.49 -16.44 -15.14
C GLY C 13 18.75 -17.54 -14.11
N GLY C 14 18.58 -18.79 -14.53
CA GLY C 14 18.70 -19.92 -13.60
C GLY C 14 20.07 -20.51 -13.39
N SER C 15 21.13 -19.88 -13.92
CA SER C 15 22.48 -20.46 -13.81
C SER C 15 23.23 -19.97 -12.59
N SER C 16 22.69 -18.99 -11.88
CA SER C 16 23.37 -18.51 -10.70
C SER C 16 22.39 -17.98 -9.66
N GLY C 17 22.93 -17.70 -8.48
CA GLY C 17 22.18 -17.15 -7.35
C GLY C 17 20.81 -17.73 -7.04
N GLY C 19 18.12 -17.91 -8.84
CA GLY C 19 17.64 -18.75 -9.92
C GLY C 19 18.15 -20.18 -9.74
N LYS C 20 19.44 -20.32 -9.46
CA LYS C 20 20.02 -21.65 -9.27
C LYS C 20 19.48 -22.32 -8.02
N GLY C 21 19.25 -21.54 -6.98
CA GLY C 21 18.66 -22.09 -5.74
C GLY C 21 17.28 -22.67 -6.03
N ALA C 23 16.12 -23.61 -9.06
CA ALA C 23 16.32 -24.74 -9.96
C ALA C 23 16.74 -26.01 -9.19
N THR C 24 17.59 -25.82 -8.19
CA THR C 24 18.06 -26.95 -7.38
C THR C 24 16.92 -27.64 -6.64
N ARG C 25 16.02 -26.86 -6.05
CA ARG C 25 14.88 -27.42 -5.32
C ARG C 25 13.89 -28.14 -6.24
N PHE C 26 13.53 -27.52 -7.36
CA PHE C 26 12.59 -28.15 -8.26
C PHE C 26 13.16 -29.44 -8.83
N ALA C 27 14.47 -29.49 -9.09
CA ALA C 27 15.07 -30.71 -9.60
C ALA C 27 15.11 -31.80 -8.54
N LYS C 28 15.34 -31.41 -7.29
CA LYS C 28 15.34 -32.38 -6.20
C LYS C 28 13.96 -32.97 -5.99
N GLU C 29 12.93 -32.23 -6.37
CA GLU C 29 11.55 -32.66 -6.26
C GLU C 29 11.11 -33.46 -7.51
N GLY C 30 12.05 -33.65 -8.43
CA GLY C 30 11.82 -34.45 -9.62
C GLY C 30 11.24 -33.81 -10.87
N ALA C 31 11.06 -32.50 -10.89
CA ALA C 31 10.53 -31.85 -12.08
C ALA C 31 11.61 -31.73 -13.14
N ARG C 32 11.18 -31.55 -14.38
CA ARG C 32 12.11 -31.22 -15.45
C ARG C 32 12.31 -29.71 -15.31
N VAL C 33 13.55 -29.27 -15.43
CA VAL C 33 13.87 -27.86 -15.26
C VAL C 33 14.59 -27.29 -16.46
N VAL C 34 14.12 -26.15 -16.91
CA VAL C 34 14.73 -25.45 -18.03
C VAL C 34 15.32 -24.17 -17.46
N ILE C 35 16.63 -24.02 -17.58
CA ILE C 35 17.31 -22.83 -17.09
C ILE C 35 17.87 -22.04 -18.27
N THR C 36 17.69 -20.72 -18.23
CA THR C 36 18.17 -19.87 -19.29
C THR C 36 19.26 -18.96 -18.78
N GLY C 37 20.08 -18.48 -19.70
CA GLY C 37 21.18 -17.63 -19.33
C GLY C 37 21.83 -17.18 -20.59
N ARG C 38 22.80 -16.30 -20.43
CA ARG C 38 23.46 -15.65 -21.53
C ARG C 38 24.81 -16.30 -21.88
N THR C 39 25.41 -16.96 -20.90
CA THR C 39 26.72 -17.55 -21.09
C THR C 39 26.69 -19.08 -20.95
N LYS C 40 27.23 -19.74 -21.96
CA LYS C 40 27.27 -21.20 -22.08
C LYS C 40 27.88 -21.94 -20.88
N GLU C 41 29.12 -21.58 -20.52
CA GLU C 41 29.84 -22.24 -19.42
C GLU C 41 29.12 -22.17 -18.07
N LYS C 42 28.54 -21.02 -17.74
CA LYS C 42 27.80 -20.91 -16.49
C LYS C 42 26.59 -21.86 -16.47
N LEU C 43 25.89 -21.95 -17.60
CA LEU C 43 24.75 -22.88 -17.74
C LEU C 43 25.20 -24.32 -17.57
N GLU C 44 26.30 -24.68 -18.22
CA GLU C 44 26.85 -26.05 -18.13
C GLU C 44 27.25 -26.38 -16.69
N GLU C 45 27.80 -25.41 -15.96
CA GLU C 45 28.20 -25.65 -14.57
C GLU C 45 26.98 -25.82 -13.68
N ALA C 46 25.99 -24.95 -13.87
CA ALA C 46 24.75 -25.04 -13.10
C ALA C 46 24.09 -26.40 -13.34
N LYS C 47 23.98 -26.79 -14.61
CA LYS C 47 23.37 -28.06 -14.95
C LYS C 47 24.02 -29.25 -14.20
N LEU C 48 25.35 -29.32 -14.25
CA LEU C 48 26.08 -30.41 -13.61
C LEU C 48 25.80 -30.43 -12.11
N GLU C 49 25.70 -29.24 -11.54
CA GLU C 49 25.47 -29.08 -10.12
C GLU C 49 24.06 -29.49 -9.67
N ILE C 50 23.03 -29.21 -10.47
CA ILE C 50 21.67 -29.51 -10.01
C ILE C 50 20.98 -30.76 -10.57
N GLU C 51 21.42 -31.27 -11.71
CA GLU C 51 20.77 -32.39 -12.36
C GLU C 51 20.81 -33.65 -11.50
N GLN C 52 19.64 -34.25 -11.28
CA GLN C 52 19.53 -35.48 -10.49
C GLN C 52 19.52 -36.74 -11.38
N PHE C 53 19.18 -36.59 -12.66
CA PHE C 53 19.13 -37.72 -13.56
C PHE C 53 19.31 -37.24 -15.00
N PRO C 54 19.70 -38.15 -15.91
CA PRO C 54 19.97 -37.72 -17.29
C PRO C 54 18.76 -37.15 -18.02
N GLY C 55 18.96 -35.98 -18.60
CA GLY C 55 17.91 -35.32 -19.36
C GLY C 55 16.94 -34.53 -18.51
N GLN C 56 17.25 -34.36 -17.22
CA GLN C 56 16.34 -33.63 -16.33
C GLN C 56 16.38 -32.12 -16.61
N ILE C 57 17.56 -31.60 -16.91
CA ILE C 57 17.75 -30.19 -17.09
C ILE C 57 18.03 -29.84 -18.54
N LEU C 58 17.33 -28.82 -19.04
CA LEU C 58 17.57 -28.30 -20.38
C LEU C 58 18.12 -26.91 -20.22
N THR C 59 19.32 -26.67 -20.72
CA THR C 59 19.89 -25.34 -20.67
C THR C 59 19.59 -24.66 -21.99
N VAL C 60 19.25 -23.38 -21.94
CA VAL C 60 18.96 -22.62 -23.15
C VAL C 60 19.75 -21.31 -23.08
N GLN C 61 20.67 -21.10 -24.01
CA GLN C 61 21.43 -19.85 -24.06
C GLN C 61 20.57 -18.90 -24.85
N ASP C 63 18.42 -14.67 -24.73
CA ASP C 63 18.25 -13.33 -24.20
C ASP C 63 16.72 -13.09 -24.07
N VAL C 64 16.26 -12.75 -22.87
CA VAL C 64 14.83 -12.51 -22.62
C VAL C 64 14.29 -11.28 -23.34
N ARG C 65 15.17 -10.44 -23.88
CA ARG C 65 14.76 -9.28 -24.66
C ARG C 65 14.46 -9.64 -26.13
N ASN C 66 14.79 -10.87 -26.53
CA ASN C 66 14.63 -11.31 -27.91
C ASN C 66 13.44 -12.27 -28.07
N THR C 67 12.37 -11.73 -28.67
CA THR C 67 11.13 -12.46 -28.86
C THR C 67 11.35 -13.67 -29.76
N ASP C 68 12.30 -13.61 -30.69
CA ASP C 68 12.62 -14.79 -31.50
C ASP C 68 13.28 -15.89 -30.64
N ASP C 69 14.14 -15.53 -29.69
CA ASP C 69 14.77 -16.51 -28.79
C ASP C 69 13.71 -17.20 -27.91
N ILE C 70 12.78 -16.41 -27.41
CA ILE C 70 11.69 -16.97 -26.60
C ILE C 70 10.85 -18.02 -27.38
N GLN C 71 10.43 -17.70 -28.61
N GLN C 71 10.48 -17.67 -28.61
CA GLN C 71 9.66 -18.68 -29.40
CA GLN C 71 9.73 -18.58 -29.46
C GLN C 71 10.49 -19.93 -29.70
C GLN C 71 10.48 -19.89 -29.71
N LYS C 72 11.78 -19.77 -30.01
CA LYS C 72 12.64 -20.95 -30.27
C LYS C 72 12.70 -21.82 -29.02
N ILE C 74 10.46 -22.09 -26.59
CA ILE C 74 9.15 -22.75 -26.39
C ILE C 74 9.04 -23.98 -27.32
N GLU C 75 9.42 -23.79 -28.59
CA GLU C 75 9.44 -24.90 -29.55
C GLU C 75 10.32 -26.06 -29.07
N GLN C 76 11.53 -25.74 -28.60
CA GLN C 76 12.48 -26.74 -28.13
C GLN C 76 11.93 -27.48 -26.91
N ILE C 77 11.39 -26.73 -25.95
CA ILE C 77 10.84 -27.36 -24.76
C ILE C 77 9.69 -28.28 -25.15
N ASP C 78 8.80 -27.78 -26.00
CA ASP C 78 7.62 -28.53 -26.39
C ASP C 78 8.02 -29.83 -27.09
N GLU C 79 9.04 -29.74 -27.92
CA GLU C 79 9.54 -30.90 -28.63
C GLU C 79 10.16 -31.94 -27.69
N LYS C 80 10.90 -31.49 -26.69
N LYS C 80 10.92 -31.48 -26.71
CA LYS C 80 11.58 -32.42 -25.80
CA LYS C 80 11.62 -32.38 -25.79
C LYS C 80 10.68 -32.96 -24.70
C LYS C 80 10.77 -32.92 -24.64
N PHE C 81 9.93 -32.07 -24.04
CA PHE C 81 9.08 -32.48 -22.92
C PHE C 81 7.56 -32.49 -23.18
N GLY C 82 7.10 -31.79 -24.20
CA GLY C 82 5.68 -31.80 -24.55
C GLY C 82 4.75 -30.95 -23.70
N ARG C 83 5.30 -30.16 -22.80
CA ARG C 83 4.48 -29.34 -21.89
C ARG C 83 5.36 -28.33 -21.17
N ILE C 84 4.69 -27.35 -20.56
CA ILE C 84 5.35 -26.34 -19.74
C ILE C 84 4.32 -26.06 -18.66
N ASP C 85 4.72 -26.14 -17.40
CA ASP C 85 3.77 -25.94 -16.30
C ASP C 85 3.96 -24.65 -15.49
N ILE C 86 5.21 -24.25 -15.37
CA ILE C 86 5.61 -23.15 -14.51
C ILE C 86 6.68 -22.27 -15.14
N LEU C 87 6.48 -20.96 -15.06
CA LEU C 87 7.45 -19.96 -15.49
C LEU C 87 7.85 -19.08 -14.29
N ILE C 88 9.15 -18.99 -14.02
CA ILE C 88 9.70 -18.12 -12.99
C ILE C 88 10.55 -17.11 -13.72
N ASN C 89 10.12 -15.84 -13.70
CA ASN C 89 10.85 -14.76 -14.33
C ASN C 89 11.79 -14.18 -13.29
N ASN C 90 13.04 -14.56 -13.42
CA ASN C 90 14.06 -14.20 -12.45
C ASN C 90 15.19 -13.43 -13.10
N ALA C 91 15.39 -13.66 -14.39
CA ALA C 91 16.39 -12.91 -15.15
C ALA C 91 16.29 -11.45 -14.70
N ALA C 92 17.42 -10.94 -14.20
CA ALA C 92 17.50 -9.57 -13.73
C ALA C 92 18.90 -9.00 -14.01
N GLY C 93 19.01 -7.67 -13.88
CA GLY C 93 20.28 -6.96 -14.00
C GLY C 93 20.15 -5.81 -12.99
N ASN C 94 21.24 -5.48 -12.29
CA ASN C 94 21.19 -4.39 -11.27
C ASN C 94 22.58 -3.93 -10.79
N PHE C 95 22.64 -2.68 -10.33
CA PHE C 95 23.88 -2.03 -9.91
C PHE C 95 23.48 -0.66 -9.32
N ILE C 96 24.36 -0.05 -8.54
CA ILE C 96 24.07 1.24 -7.95
C ILE C 96 24.54 2.39 -8.83
N CYS C 97 23.72 3.43 -8.95
CA CYS C 97 24.12 4.63 -9.71
C CYS C 97 23.18 5.78 -9.38
N PRO C 98 23.72 6.96 -9.02
CA PRO C 98 22.81 8.09 -8.79
C PRO C 98 21.92 8.31 -10.02
N ALA C 99 20.66 8.66 -9.80
CA ALA C 99 19.69 8.79 -10.91
C ALA C 99 20.14 9.76 -11.97
N GLU C 100 20.76 10.86 -11.54
CA GLU C 100 21.20 11.88 -12.51
C GLU C 100 22.45 11.49 -13.30
N ASP C 101 23.14 10.43 -12.88
CA ASP C 101 24.37 9.99 -13.55
C ASP C 101 24.11 8.80 -14.46
N LEU C 102 22.94 8.20 -14.32
CA LEU C 102 22.64 6.99 -15.08
C LEU C 102 22.57 7.28 -16.59
N SER C 103 23.29 6.51 -17.39
CA SER C 103 23.27 6.70 -18.83
C SER C 103 21.94 6.20 -19.38
N VAL C 104 21.56 6.76 -20.51
CA VAL C 104 20.34 6.32 -21.18
C VAL C 104 20.44 4.81 -21.50
N ASN C 105 21.62 4.34 -21.91
N ASN C 105 21.62 4.36 -21.89
CA ASN C 105 21.77 2.92 -22.20
CA ASN C 105 21.81 2.94 -22.21
C ASN C 105 21.65 2.05 -20.95
C ASN C 105 21.64 2.08 -20.95
N GLY C 106 22.17 2.55 -19.83
CA GLY C 106 22.07 1.84 -18.55
C GLY C 106 20.63 1.70 -18.10
N TRP C 107 19.88 2.79 -18.17
CA TRP C 107 18.47 2.77 -17.81
C TRP C 107 17.70 1.87 -18.76
N ASN C 108 17.91 2.06 -20.07
CA ASN C 108 17.19 1.26 -21.05
C ASN C 108 17.44 -0.24 -20.89
N SER C 109 18.67 -0.64 -20.58
CA SER C 109 19.03 -2.07 -20.46
C SER C 109 18.34 -2.76 -19.29
N VAL C 110 18.19 -2.04 -18.17
CA VAL C 110 17.52 -2.60 -17.03
C VAL C 110 16.00 -2.66 -17.31
N ILE C 111 15.42 -1.62 -17.87
CA ILE C 111 13.99 -1.66 -18.22
C ILE C 111 13.76 -2.82 -19.21
N ASN C 112 14.66 -2.98 -20.16
CA ASN C 112 14.51 -4.02 -21.18
C ASN C 112 14.62 -5.43 -20.67
N ILE C 113 15.61 -5.70 -19.84
CA ILE C 113 15.76 -7.02 -19.30
C ILE C 113 14.69 -7.39 -18.28
N VAL C 114 14.46 -6.49 -17.33
CA VAL C 114 13.56 -6.78 -16.23
C VAL C 114 12.10 -6.66 -16.57
N LEU C 115 11.69 -5.51 -17.10
CA LEU C 115 10.28 -5.27 -17.36
C LEU C 115 9.86 -5.87 -18.69
N ASN C 116 10.51 -5.47 -19.77
CA ASN C 116 10.11 -5.94 -21.10
C ASN C 116 10.30 -7.44 -21.26
N GLY C 117 11.45 -7.93 -20.83
CA GLY C 117 11.74 -9.36 -20.88
C GLY C 117 10.74 -10.20 -20.10
N THR C 118 10.29 -9.70 -18.96
CA THR C 118 9.33 -10.45 -18.17
C THR C 118 8.00 -10.48 -18.94
N PHE C 119 7.68 -9.38 -19.59
CA PHE C 119 6.46 -9.33 -20.35
C PHE C 119 6.53 -10.24 -21.58
N TYR C 120 7.64 -10.23 -22.29
CA TYR C 120 7.79 -11.06 -23.47
C TYR C 120 7.70 -12.55 -23.13
N CYS C 121 8.36 -12.95 -22.05
CA CYS C 121 8.32 -14.35 -21.62
C CYS C 121 6.95 -14.73 -21.13
N SER C 122 6.31 -13.83 -20.37
CA SER C 122 5.00 -14.13 -19.82
C SER C 122 3.93 -14.21 -20.90
N GLN C 123 3.98 -13.30 -21.88
CA GLN C 123 2.98 -13.35 -22.92
C GLN C 123 3.17 -14.57 -23.80
N ALA C 124 4.41 -14.94 -24.09
CA ALA C 124 4.64 -16.08 -24.99
C ALA C 124 4.20 -17.38 -24.33
N ILE C 125 4.53 -17.53 -23.06
CA ILE C 125 4.15 -18.75 -22.31
C ILE C 125 2.65 -18.78 -22.08
N GLY C 126 2.05 -17.63 -21.83
CA GLY C 126 0.60 -17.53 -21.63
C GLY C 126 -0.15 -18.00 -22.87
N LYS C 127 0.29 -17.53 -24.03
CA LYS C 127 -0.31 -17.94 -25.29
C LYS C 127 -0.15 -19.43 -25.54
N TYR C 128 0.99 -19.98 -25.16
CA TYR C 128 1.19 -21.44 -25.26
C TYR C 128 0.18 -22.17 -24.36
N TRP C 129 0.03 -21.70 -23.13
CA TRP C 129 -0.93 -22.30 -22.22
C TRP C 129 -2.37 -22.14 -22.70
N ILE C 130 -2.67 -20.98 -23.25
CA ILE C 130 -4.00 -20.71 -23.78
C ILE C 130 -4.35 -21.71 -24.90
N GLU C 131 -3.42 -21.95 -25.81
CA GLU C 131 -3.66 -22.86 -26.93
C GLU C 131 -3.87 -24.30 -26.49
N LYS C 132 -3.16 -24.69 -25.45
CA LYS C 132 -3.21 -26.06 -24.96
C LYS C 132 -4.12 -26.31 -23.76
N GLY C 133 -4.85 -25.29 -23.31
CA GLY C 133 -5.72 -25.43 -22.13
C GLY C 133 -4.98 -25.77 -20.85
N ILE C 134 -3.77 -25.23 -20.68
CA ILE C 134 -2.98 -25.52 -19.47
C ILE C 134 -3.19 -24.44 -18.42
N LYS C 135 -3.42 -24.86 -17.18
CA LYS C 135 -3.60 -23.92 -16.06
C LYS C 135 -2.24 -23.67 -15.43
N GLY C 136 -1.47 -22.83 -16.10
CA GLY C 136 -0.11 -22.57 -15.67
C GLY C 136 0.02 -21.71 -14.43
N ASN C 137 1.25 -21.60 -13.96
N ASN C 137 1.26 -21.54 -14.02
CA ASN C 137 1.61 -20.75 -12.81
CA ASN C 137 1.59 -20.76 -12.83
C ASN C 137 2.81 -19.92 -13.18
C ASN C 137 2.84 -19.94 -13.12
N ILE C 138 2.74 -18.62 -12.92
CA ILE C 138 3.86 -17.73 -13.14
C ILE C 138 4.29 -17.13 -11.81
N ILE C 139 5.59 -17.04 -11.58
CA ILE C 139 6.12 -16.41 -10.36
C ILE C 139 7.13 -15.41 -10.82
N ASN C 140 6.88 -14.15 -10.47
CA ASN C 140 7.80 -13.07 -10.82
C ASN C 140 8.64 -12.64 -9.61
N VAL C 142 10.44 -9.95 -7.63
CA VAL C 142 10.50 -8.49 -7.52
C VAL C 142 11.45 -8.15 -6.35
N ALA C 143 11.33 -6.96 -5.79
CA ALA C 143 12.18 -6.48 -4.72
C ALA C 143 11.29 -5.64 -3.81
N THR C 144 11.64 -5.51 -2.54
CA THR C 144 10.79 -4.73 -1.61
C THR C 144 10.79 -3.24 -1.97
N TYR C 145 11.79 -2.79 -2.71
CA TYR C 145 11.79 -1.39 -3.13
C TYR C 145 10.87 -1.16 -4.33
N ALA C 146 10.25 -2.22 -4.85
CA ALA C 146 9.31 -2.06 -5.98
C ALA C 146 8.08 -1.20 -5.59
N TRP C 147 7.69 -1.19 -4.31
CA TRP C 147 6.51 -0.42 -3.91
C TRP C 147 6.82 0.77 -3.03
N ASP C 148 8.06 1.20 -3.09
CA ASP C 148 8.50 2.29 -2.26
C ASP C 148 9.59 2.99 -3.08
N ALA C 149 10.53 3.63 -2.39
CA ALA C 149 11.67 4.25 -3.09
C ALA C 149 12.86 3.27 -3.11
N GLY C 150 13.64 3.32 -4.19
CA GLY C 150 14.84 2.52 -4.32
C GLY C 150 16.01 3.43 -4.65
N PRO C 151 16.39 4.28 -3.68
CA PRO C 151 17.48 5.22 -3.91
C PRO C 151 18.75 4.48 -4.34
N GLY C 152 19.36 4.99 -5.41
CA GLY C 152 20.56 4.39 -5.98
C GLY C 152 20.32 3.29 -7.02
N VAL C 153 19.10 2.74 -7.04
CA VAL C 153 18.70 1.69 -8.01
C VAL C 153 17.38 2.05 -8.71
N ILE C 154 17.25 3.29 -9.16
CA ILE C 154 16.00 3.77 -9.74
C ILE C 154 15.53 2.96 -10.94
N HIS C 155 16.48 2.53 -11.75
CA HIS C 155 16.18 1.68 -12.88
C HIS C 155 15.50 0.39 -12.45
N SER C 156 16.08 -0.28 -11.47
CA SER C 156 15.52 -1.55 -10.99
C SER C 156 14.20 -1.32 -10.24
N ALA C 157 14.12 -0.25 -9.45
CA ALA C 157 12.87 0.07 -8.74
C ALA C 157 11.73 0.27 -9.73
N ALA C 158 11.95 1.08 -10.77
CA ALA C 158 10.94 1.31 -11.79
C ALA C 158 10.56 0.02 -12.51
N ALA C 159 11.57 -0.73 -12.93
CA ALA C 159 11.32 -1.95 -13.67
C ALA C 159 10.54 -2.96 -12.86
N LYS C 160 10.98 -3.18 -11.63
N LYS C 160 10.96 -3.19 -11.63
CA LYS C 160 10.35 -4.13 -10.69
CA LYS C 160 10.29 -4.17 -10.77
C LYS C 160 8.92 -3.70 -10.32
C LYS C 160 8.90 -3.70 -10.29
N ALA C 161 8.70 -2.39 -10.15
CA ALA C 161 7.38 -1.86 -9.85
C ALA C 161 6.48 -2.21 -11.05
N GLY C 162 7.02 -2.07 -12.27
CA GLY C 162 6.27 -2.46 -13.47
C GLY C 162 5.91 -3.93 -13.46
N VAL C 163 6.86 -4.76 -13.05
CA VAL C 163 6.63 -6.18 -12.98
C VAL C 163 5.57 -6.50 -11.95
N LEU C 164 5.61 -5.84 -10.80
CA LEU C 164 4.59 -6.07 -9.77
C LEU C 164 3.20 -5.73 -10.33
N ALA C 165 3.08 -4.61 -11.07
CA ALA C 165 1.80 -4.22 -11.67
C ALA C 165 1.35 -5.26 -12.71
N THR C 167 2.09 -8.37 -12.65
CA THR C 167 1.75 -9.59 -11.90
C THR C 167 0.28 -9.57 -11.46
N LYS C 168 -0.10 -8.47 -10.86
CA LYS C 168 -1.45 -8.30 -10.38
C LYS C 168 -2.44 -8.23 -11.55
N THR C 169 -2.07 -7.55 -12.61
CA THR C 169 -2.94 -7.41 -13.76
C THR C 169 -3.19 -8.76 -14.43
N LEU C 170 -2.14 -9.54 -14.66
CA LEU C 170 -2.33 -10.86 -15.26
C LEU C 170 -3.07 -11.80 -14.30
N ALA C 171 -2.86 -11.64 -13.00
CA ALA C 171 -3.58 -12.47 -12.03
C ALA C 171 -5.09 -12.29 -12.23
N VAL C 172 -5.52 -11.06 -12.49
CA VAL C 172 -6.94 -10.82 -12.71
C VAL C 172 -7.37 -11.30 -14.10
N GLU C 173 -6.73 -10.81 -15.16
CA GLU C 173 -7.14 -11.18 -16.53
C GLU C 173 -7.07 -12.67 -16.83
N TRP C 174 -5.93 -13.27 -16.58
CA TRP C 174 -5.70 -14.67 -16.90
C TRP C 174 -6.22 -15.64 -15.85
N GLY C 175 -6.26 -15.19 -14.59
CA GLY C 175 -6.84 -15.99 -13.53
C GLY C 175 -8.29 -16.23 -13.88
N ARG C 176 -9.00 -15.17 -14.27
CA ARG C 176 -10.41 -15.29 -14.61
C ARG C 176 -10.69 -15.98 -15.94
N LYS C 177 -10.00 -15.59 -16.99
CA LYS C 177 -10.31 -16.15 -18.29
C LYS C 177 -9.74 -17.58 -18.49
N TYR C 178 -8.56 -17.88 -17.94
CA TYR C 178 -7.92 -19.18 -18.18
C TYR C 178 -7.55 -19.99 -16.94
N GLY C 179 -7.76 -19.45 -15.75
CA GLY C 179 -7.36 -20.18 -14.56
C GLY C 179 -5.86 -20.24 -14.35
N ILE C 180 -5.14 -19.31 -14.98
CA ILE C 180 -3.69 -19.19 -14.81
C ILE C 180 -3.39 -18.32 -13.56
N ARG C 181 -2.51 -18.79 -12.67
CA ARG C 181 -2.14 -18.04 -11.46
C ARG C 181 -0.83 -17.29 -11.67
N VAL C 182 -0.81 -16.04 -11.20
CA VAL C 182 0.35 -15.20 -11.32
C VAL C 182 0.62 -14.55 -9.97
N ASN C 183 1.85 -14.76 -9.44
CA ASN C 183 2.28 -14.20 -8.17
C ASN C 183 3.73 -13.73 -8.22
N ALA C 184 4.14 -13.01 -7.17
CA ALA C 184 5.50 -12.51 -7.10
C ALA C 184 6.10 -12.83 -5.74
N ILE C 185 7.43 -12.89 -5.72
CA ILE C 185 8.19 -13.05 -4.52
C ILE C 185 9.14 -11.86 -4.40
N ALA C 186 9.19 -11.25 -3.23
CA ALA C 186 10.09 -10.14 -2.94
C ALA C 186 11.12 -10.56 -1.86
N PRO C 187 12.34 -10.91 -2.29
CA PRO C 187 13.38 -11.28 -1.32
C PRO C 187 14.08 -10.09 -0.69
N GLY C 188 14.54 -10.26 0.54
CA GLY C 188 15.35 -9.26 1.21
C GLY C 188 16.77 -9.59 0.83
N PRO C 189 17.75 -9.27 1.71
CA PRO C 189 19.14 -9.57 1.37
C PRO C 189 19.39 -11.08 1.51
N ILE C 190 19.90 -11.70 0.45
CA ILE C 190 20.09 -13.15 0.41
C ILE C 190 21.56 -13.54 0.19
N GLU C 191 22.06 -14.48 1.01
CA GLU C 191 23.40 -15.00 0.85
C GLU C 191 23.63 -15.55 -0.55
N ARG C 192 24.84 -15.40 -1.09
CA ARG C 192 25.19 -16.03 -2.37
C ARG C 192 24.17 -15.78 -3.48
N ALA C 206 30.05 -2.45 7.21
CA ALA C 206 29.84 -3.69 6.48
C ALA C 206 28.49 -4.32 6.83
N LYS C 207 28.38 -4.78 8.07
CA LYS C 207 27.17 -5.42 8.59
C LYS C 207 26.10 -4.49 9.15
N ARG C 208 25.95 -3.30 8.58
CA ARG C 208 24.92 -2.40 9.06
C ARG C 208 23.59 -2.83 8.48
N THR C 209 23.63 -3.53 7.34
CA THR C 209 22.40 -4.02 6.73
C THR C 209 21.95 -5.31 7.42
N ILE C 210 22.84 -6.05 8.06
CA ILE C 210 22.42 -7.20 8.84
C ILE C 210 21.64 -6.66 10.05
N GLN C 211 22.17 -5.60 10.62
CA GLN C 211 21.54 -4.90 11.74
C GLN C 211 20.14 -4.37 11.36
N SER C 212 20.00 -3.98 10.09
CA SER C 212 18.73 -3.45 9.57
C SER C 212 17.62 -4.51 9.45
N VAL C 213 18.00 -5.78 9.48
CA VAL C 213 17.06 -6.88 9.41
C VAL C 213 16.70 -7.30 10.84
N PRO C 214 15.40 -7.20 11.21
CA PRO C 214 15.05 -7.56 12.58
C PRO C 214 15.57 -8.93 12.97
N LEU C 215 15.46 -9.91 12.07
CA LEU C 215 15.94 -11.24 12.40
C LEU C 215 17.46 -11.38 12.48
N GLY C 216 18.17 -10.30 12.13
CA GLY C 216 19.63 -10.25 12.30
C GLY C 216 20.50 -11.13 11.42
N ARG C 217 20.03 -11.42 10.21
CA ARG C 217 20.81 -12.25 9.31
C ARG C 217 20.29 -12.12 7.89
N LEU C 218 21.06 -12.64 6.95
CA LEU C 218 20.67 -12.71 5.57
C LEU C 218 19.75 -13.92 5.37
N GLY C 219 18.92 -13.85 4.32
CA GLY C 219 18.10 -14.99 3.95
C GLY C 219 18.99 -15.93 3.16
N THR C 220 18.44 -17.08 2.75
CA THR C 220 19.19 -18.01 1.93
C THR C 220 18.45 -18.37 0.63
N PRO C 221 19.20 -18.78 -0.39
CA PRO C 221 18.54 -19.19 -1.62
C PRO C 221 17.69 -20.46 -1.40
N GLU C 222 18.01 -21.28 -0.40
CA GLU C 222 17.21 -22.46 -0.11
C GLU C 222 15.84 -22.06 0.44
N GLU C 223 15.83 -21.02 1.27
CA GLU C 223 14.56 -20.51 1.82
C GLU C 223 13.70 -19.91 0.72
N ILE C 224 14.34 -19.16 -0.16
CA ILE C 224 13.63 -18.59 -1.29
C ILE C 224 13.03 -19.71 -2.16
N ALA C 225 13.81 -20.74 -2.42
CA ALA C 225 13.35 -21.86 -3.21
C ALA C 225 12.16 -22.55 -2.54
N GLY C 226 12.16 -22.61 -1.21
CA GLY C 226 11.06 -23.21 -0.48
C GLY C 226 9.78 -22.43 -0.64
N LEU C 227 9.90 -21.11 -0.78
CA LEU C 227 8.73 -20.28 -0.97
C LEU C 227 8.17 -20.52 -2.39
N ALA C 228 9.04 -20.51 -3.38
CA ALA C 228 8.62 -20.74 -4.76
C ALA C 228 7.99 -22.13 -4.88
N TYR C 229 8.54 -23.10 -4.19
CA TYR C 229 8.01 -24.44 -4.25
C TYR C 229 6.60 -24.47 -3.65
N TYR C 230 6.44 -23.89 -2.46
CA TYR C 230 5.11 -23.82 -1.86
C TYR C 230 4.12 -23.12 -2.79
N LEU C 231 4.50 -21.98 -3.38
CA LEU C 231 3.60 -21.26 -4.29
C LEU C 231 3.16 -22.09 -5.48
N CYS C 232 3.98 -23.03 -5.91
CA CYS C 232 3.63 -23.88 -7.04
C CYS C 232 2.87 -25.15 -6.63
N SER C 233 2.72 -25.40 -5.34
CA SER C 233 2.09 -26.63 -4.89
C SER C 233 0.55 -26.56 -5.00
N ASP C 234 -0.09 -27.72 -5.04
CA ASP C 234 -1.56 -27.78 -5.11
C ASP C 234 -2.22 -27.05 -3.93
N GLU C 235 -1.61 -27.15 -2.75
CA GLU C 235 -2.11 -26.47 -1.55
C GLU C 235 -2.22 -24.97 -1.73
N ALA C 236 -1.40 -24.43 -2.63
CA ALA C 236 -1.36 -22.97 -2.85
C ALA C 236 -2.16 -22.51 -4.04
N ALA C 237 -3.06 -23.37 -4.50
CA ALA C 237 -3.84 -23.07 -5.69
C ALA C 237 -4.77 -21.84 -5.60
N TYR C 238 -5.07 -21.33 -4.41
CA TYR C 238 -5.96 -20.17 -4.29
C TYR C 238 -5.18 -18.89 -4.11
N ILE C 239 -3.86 -18.97 -4.14
CA ILE C 239 -3.03 -17.80 -4.01
C ILE C 239 -2.84 -17.21 -5.40
N ASN C 240 -3.27 -15.97 -5.59
CA ASN C 240 -3.20 -15.40 -6.91
C ASN C 240 -3.17 -13.88 -6.83
N GLY C 241 -2.25 -13.26 -7.58
CA GLY C 241 -2.12 -11.80 -7.61
C GLY C 241 -1.47 -11.18 -6.38
N THR C 242 -0.72 -11.94 -5.61
N THR C 242 -0.67 -11.97 -5.69
CA THR C 242 -0.07 -11.32 -4.45
CA THR C 242 -0.02 -11.53 -4.45
C THR C 242 1.45 -11.48 -4.49
C THR C 242 1.48 -11.33 -4.64
N CYS C 243 2.10 -10.65 -3.68
CA CYS C 243 3.54 -10.57 -3.60
C CYS C 243 3.91 -11.11 -2.21
N THR C 245 6.60 -11.53 0.53
CA THR C 245 7.94 -11.01 0.84
C THR C 245 8.64 -11.83 1.90
N ASP C 247 11.98 -11.22 3.83
CA ASP C 247 13.09 -10.32 4.14
C ASP C 247 13.41 -10.12 5.62
N GLY C 248 12.92 -11.04 6.46
CA GLY C 248 13.14 -10.96 7.91
C GLY C 248 12.54 -9.72 8.58
N GLY C 249 11.76 -8.95 7.84
CA GLY C 249 11.17 -7.70 8.35
C GLY C 249 11.90 -6.44 7.96
N GLN C 250 12.91 -6.60 7.11
CA GLN C 250 13.78 -5.49 6.75
C GLN C 250 13.12 -4.25 6.15
N HIS C 251 12.16 -4.42 5.25
CA HIS C 251 11.55 -3.29 4.58
C HIS C 251 10.69 -2.40 5.49
N LEU C 252 10.34 -2.90 6.67
CA LEU C 252 9.50 -2.15 7.62
C LEU C 252 10.30 -1.07 8.32
N HIS C 253 9.63 -0.09 8.89
CA HIS C 253 10.28 1.00 9.60
C HIS C 253 10.95 0.39 10.82
N GLN C 254 12.20 0.72 11.05
CA GLN C 254 12.96 0.16 12.18
C GLN C 254 12.92 1.04 13.42
N TYR C 255 12.52 2.30 13.25
CA TYR C 255 12.38 3.26 14.36
C TYR C 255 11.08 4.09 14.22
N PRO C 256 10.59 4.66 15.35
CA PRO C 256 9.38 5.50 15.38
C PRO C 256 9.64 6.97 15.01
N ASN D 2 11.82 -28.85 18.21
CA ASN D 2 11.66 -28.04 16.95
C ASN D 2 10.77 -28.79 15.94
N ALA D 3 10.67 -30.11 16.08
CA ALA D 3 9.80 -30.91 15.22
C ALA D 3 8.34 -30.69 15.62
N LYS D 5 5.88 -32.47 15.97
CA LYS D 5 5.36 -33.45 16.92
C LYS D 5 5.60 -32.99 18.37
N GLU D 6 6.62 -32.16 18.58
CA GLU D 6 6.94 -31.71 19.93
C GLU D 6 6.36 -30.33 20.24
N LYS D 7 5.63 -29.74 19.30
CA LYS D 7 5.12 -28.37 19.47
C LYS D 7 3.73 -28.20 20.03
N VAL D 8 3.51 -27.03 20.62
CA VAL D 8 2.24 -26.66 21.21
C VAL D 8 1.73 -25.43 20.47
N VAL D 9 0.53 -25.56 19.92
CA VAL D 9 -0.07 -24.52 19.13
C VAL D 9 -1.38 -24.04 19.77
N ILE D 10 -1.51 -22.73 19.95
CA ILE D 10 -2.74 -22.15 20.47
C ILE D 10 -3.49 -21.47 19.32
N ILE D 11 -4.76 -21.80 19.20
CA ILE D 11 -5.62 -21.19 18.17
C ILE D 11 -6.87 -20.64 18.85
N THR D 12 -7.00 -19.31 18.91
CA THR D 12 -8.16 -18.72 19.52
C THR D 12 -9.28 -18.85 18.50
N GLY D 13 -10.51 -19.04 18.98
CA GLY D 13 -11.65 -19.23 18.10
C GLY D 13 -11.47 -20.51 17.30
N GLY D 14 -10.87 -21.52 17.93
CA GLY D 14 -10.54 -22.75 17.23
C GLY D 14 -11.62 -23.82 17.13
N SER D 15 -12.83 -23.51 17.59
CA SER D 15 -13.88 -24.53 17.60
C SER D 15 -14.72 -24.60 16.33
N SER D 16 -14.58 -23.62 15.43
CA SER D 16 -15.35 -23.61 14.19
C SER D 16 -14.60 -22.90 13.06
N GLY D 17 -15.12 -23.02 11.85
CA GLY D 17 -14.59 -22.35 10.66
C GLY D 17 -13.09 -22.50 10.35
N GLY D 19 -10.49 -21.50 12.11
CA GLY D 19 -9.76 -21.91 13.30
C GLY D 19 -9.72 -23.43 13.42
N LYS D 20 -10.85 -24.07 13.17
CA LYS D 20 -10.94 -25.52 13.27
C LYS D 20 -10.22 -26.19 12.12
N GLY D 21 -10.23 -25.56 10.95
CA GLY D 21 -9.49 -26.09 9.82
C GLY D 21 -8.00 -26.07 10.13
N ALA D 23 -6.70 -26.03 13.17
CA ALA D 23 -6.56 -27.01 14.25
C ALA D 23 -6.43 -28.42 13.70
N THR D 24 -7.23 -28.72 12.68
CA THR D 24 -7.23 -30.07 12.09
C THR D 24 -5.87 -30.41 11.49
N ARG D 25 -5.29 -29.46 10.77
CA ARG D 25 -4.00 -29.67 10.12
C ARG D 25 -2.85 -29.85 11.14
N PHE D 26 -2.77 -28.95 12.13
CA PHE D 26 -1.70 -29.05 13.13
C PHE D 26 -1.83 -30.36 13.93
N ALA D 27 -3.06 -30.76 14.25
CA ALA D 27 -3.26 -32.03 14.98
C ALA D 27 -2.86 -33.20 14.08
N LYS D 28 -3.14 -33.11 12.79
CA LYS D 28 -2.83 -34.19 11.87
C LYS D 28 -1.32 -34.36 11.72
N GLU D 29 -0.58 -33.27 11.90
CA GLU D 29 0.89 -33.28 11.83
C GLU D 29 1.50 -33.64 13.18
N GLY D 30 0.66 -33.92 14.18
CA GLY D 30 1.13 -34.36 15.47
C GLY D 30 1.37 -33.38 16.59
N ALA D 31 1.08 -32.10 16.36
CA ALA D 31 1.26 -31.10 17.41
C ALA D 31 0.16 -31.20 18.45
N ARG D 32 0.47 -30.70 19.63
CA ARG D 32 -0.52 -30.55 20.68
C ARG D 32 -1.17 -29.22 20.34
N VAL D 33 -2.50 -29.19 20.39
CA VAL D 33 -3.24 -28.02 19.98
C VAL D 33 -4.21 -27.60 21.10
N VAL D 34 -4.18 -26.31 21.41
CA VAL D 34 -5.06 -25.72 22.37
C VAL D 34 -6.07 -24.87 21.59
N ILE D 35 -7.35 -25.17 21.69
CA ILE D 35 -8.37 -24.38 21.01
C ILE D 35 -9.20 -23.65 22.07
N THR D 36 -9.49 -22.38 21.81
CA THR D 36 -10.23 -21.58 22.73
C THR D 36 -11.58 -21.22 22.13
N GLY D 37 -12.54 -20.93 22.98
CA GLY D 37 -13.86 -20.58 22.51
C GLY D 37 -14.71 -20.20 23.70
N ARG D 38 -15.88 -19.66 23.43
CA ARG D 38 -16.75 -19.24 24.51
C ARG D 38 -17.84 -20.25 24.88
N THR D 39 -17.97 -21.31 24.09
CA THR D 39 -19.00 -22.31 24.29
C THR D 39 -18.44 -23.72 24.47
N LYS D 40 -18.74 -24.31 25.61
CA LYS D 40 -18.27 -25.65 26.00
C LYS D 40 -18.63 -26.72 24.94
N GLU D 41 -19.88 -26.71 24.50
CA GLU D 41 -20.34 -27.73 23.55
C GLU D 41 -19.62 -27.68 22.19
N LYS D 42 -19.44 -26.49 21.62
CA LYS D 42 -18.73 -26.38 20.34
C LYS D 42 -17.32 -26.90 20.49
N LEU D 43 -16.65 -26.50 21.58
CA LEU D 43 -15.28 -26.92 21.87
C LEU D 43 -15.17 -28.44 21.94
N GLU D 44 -16.09 -29.09 22.62
CA GLU D 44 -16.05 -30.56 22.73
C GLU D 44 -16.30 -31.25 21.39
N GLU D 45 -17.21 -30.69 20.58
CA GLU D 45 -17.51 -31.22 19.26
C GLU D 45 -16.24 -31.15 18.38
N ALA D 46 -15.59 -29.98 18.36
CA ALA D 46 -14.38 -29.79 17.55
C ALA D 46 -13.26 -30.72 18.01
N LYS D 47 -13.11 -30.87 19.32
CA LYS D 47 -12.10 -31.76 19.87
C LYS D 47 -12.29 -33.18 19.35
N LEU D 48 -13.48 -33.75 19.53
CA LEU D 48 -13.75 -35.10 19.05
C LEU D 48 -13.43 -35.23 17.56
N GLU D 49 -13.76 -34.22 16.79
CA GLU D 49 -13.53 -34.26 15.36
C GLU D 49 -12.05 -34.21 14.96
N ILE D 50 -11.26 -33.46 15.70
CA ILE D 50 -9.86 -33.22 15.35
C ILE D 50 -8.78 -34.07 16.03
N GLU D 51 -9.06 -34.57 17.22
CA GLU D 51 -8.04 -35.25 18.01
C GLU D 51 -7.54 -36.57 17.42
N GLN D 52 -6.23 -36.71 17.33
CA GLN D 52 -5.60 -37.93 16.80
C GLN D 52 -5.22 -38.91 17.90
N PHE D 53 -4.95 -38.41 19.09
CA PHE D 53 -4.65 -39.30 20.22
C PHE D 53 -5.12 -38.64 21.51
N PRO D 54 -5.35 -39.43 22.56
CA PRO D 54 -5.86 -38.87 23.81
C PRO D 54 -4.94 -37.80 24.42
N GLY D 55 -5.54 -36.70 24.84
CA GLY D 55 -4.79 -35.61 25.46
C GLY D 55 -4.11 -34.69 24.48
N GLN D 56 -4.31 -34.90 23.18
CA GLN D 56 -3.63 -34.08 22.20
C GLN D 56 -4.20 -32.68 22.15
N ILE D 57 -5.51 -32.59 22.32
CA ILE D 57 -6.20 -31.32 22.23
C ILE D 57 -6.64 -30.86 23.60
N LEU D 58 -6.39 -29.60 23.90
CA LEU D 58 -6.81 -29.00 25.14
C LEU D 58 -7.82 -27.95 24.77
N THR D 59 -9.04 -28.09 25.25
CA THR D 59 -10.04 -27.07 24.98
C THR D 59 -10.07 -26.09 26.17
N VAL D 60 -10.16 -24.81 25.87
CA VAL D 60 -10.21 -23.81 26.91
C VAL D 60 -11.38 -22.85 26.64
N GLN D 61 -12.33 -22.83 27.58
CA GLN D 61 -13.48 -21.94 27.48
C GLN D 61 -13.05 -20.61 28.10
N ASP D 63 -12.54 -15.96 27.34
CA ASP D 63 -12.83 -14.70 26.61
C ASP D 63 -11.48 -13.98 26.39
N VAL D 64 -11.09 -13.77 25.12
CA VAL D 64 -9.83 -13.09 24.81
C VAL D 64 -9.79 -11.64 25.32
N ARG D 65 -10.94 -11.09 25.70
CA ARG D 65 -10.95 -9.74 26.23
C ARG D 65 -10.61 -9.70 27.70
N ASN D 66 -10.50 -10.86 28.33
CA ASN D 66 -10.25 -10.95 29.78
C ASN D 66 -8.81 -11.39 30.05
N THR D 67 -7.99 -10.48 30.56
CA THR D 67 -6.59 -10.79 30.81
C THR D 67 -6.39 -11.84 31.91
N ASP D 68 -7.36 -12.00 32.82
CA ASP D 68 -7.25 -13.07 33.82
C ASP D 68 -7.45 -14.42 33.17
N ASP D 69 -8.43 -14.53 32.27
CA ASP D 69 -8.66 -15.78 31.53
C ASP D 69 -7.40 -16.13 30.76
N ILE D 70 -6.75 -15.13 30.17
CA ILE D 70 -5.55 -15.39 29.39
C ILE D 70 -4.42 -15.91 30.27
N GLN D 71 -4.19 -15.24 31.40
N GLN D 71 -4.17 -15.26 31.40
CA GLN D 71 -3.16 -15.65 32.35
CA GLN D 71 -3.10 -15.73 32.29
C GLN D 71 -3.41 -17.09 32.85
C GLN D 71 -3.41 -17.14 32.81
N LYS D 72 -4.67 -17.41 33.17
CA LYS D 72 -5.02 -18.77 33.65
C LYS D 72 -4.80 -19.81 32.56
N ILE D 74 -2.50 -19.66 30.08
CA ILE D 74 -1.06 -19.88 29.99
C ILE D 74 -0.58 -20.80 31.12
N GLU D 75 -1.07 -20.59 32.35
CA GLU D 75 -0.69 -21.46 33.49
C GLU D 75 -1.09 -22.91 33.22
N GLN D 76 -2.33 -23.08 32.74
CA GLN D 76 -2.85 -24.40 32.49
C GLN D 76 -2.01 -25.13 31.41
N ILE D 77 -1.69 -24.43 30.32
CA ILE D 77 -0.93 -25.02 29.22
C ILE D 77 0.49 -25.35 29.67
N ASP D 78 1.12 -24.41 30.37
CA ASP D 78 2.47 -24.59 30.85
C ASP D 78 2.51 -25.81 31.79
N GLU D 79 1.49 -25.97 32.63
CA GLU D 79 1.45 -27.08 33.56
C GLU D 79 1.23 -28.39 32.84
N LYS D 80 0.34 -28.39 31.85
CA LYS D 80 0.06 -29.62 31.14
C LYS D 80 1.13 -29.98 30.11
N PHE D 81 1.52 -29.02 29.29
CA PHE D 81 2.46 -29.25 28.21
C PHE D 81 3.87 -28.74 28.42
N GLY D 82 4.06 -27.80 29.34
CA GLY D 82 5.38 -27.28 29.60
C GLY D 82 5.99 -26.33 28.57
N ARG D 83 5.22 -25.96 27.54
N ARG D 83 5.23 -25.98 27.53
CA ARG D 83 5.72 -25.03 26.52
CA ARG D 83 5.74 -25.12 26.46
C ARG D 83 4.61 -24.54 25.62
C ARG D 83 4.60 -24.56 25.60
N ILE D 84 4.91 -23.52 24.83
CA ILE D 84 3.97 -22.91 23.90
C ILE D 84 4.87 -22.51 22.75
N ASP D 85 4.55 -22.94 21.54
CA ASP D 85 5.38 -22.62 20.39
C ASP D 85 4.76 -21.62 19.40
N ILE D 86 3.45 -21.74 19.21
CA ILE D 86 2.77 -20.96 18.18
C ILE D 86 1.45 -20.43 18.69
N LEU D 87 1.16 -19.16 18.38
CA LEU D 87 -0.10 -18.54 18.70
C LEU D 87 -0.76 -18.04 17.42
N ILE D 88 -1.96 -18.53 17.17
CA ILE D 88 -2.75 -18.07 16.05
C ILE D 88 -3.97 -17.29 16.61
N ASN D 89 -3.96 -15.97 16.40
CA ASN D 89 -5.04 -15.08 16.80
C ASN D 89 -6.12 -15.06 15.70
N ASN D 90 -7.16 -15.83 15.95
CA ASN D 90 -8.23 -16.04 14.97
C ASN D 90 -9.57 -15.57 15.51
N ALA D 91 -9.83 -15.76 16.79
CA ALA D 91 -11.08 -15.27 17.38
C ALA D 91 -11.44 -13.93 16.73
N ALA D 92 -12.71 -13.79 16.35
CA ALA D 92 -13.18 -12.57 15.70
C ALA D 92 -14.70 -12.49 15.79
N GLY D 93 -15.23 -11.29 15.53
CA GLY D 93 -16.66 -11.03 15.53
C GLY D 93 -16.92 -10.11 14.35
N ASN D 94 -17.89 -10.47 13.51
CA ASN D 94 -18.20 -9.65 12.33
C ASN D 94 -19.63 -9.83 11.73
N PHE D 95 -20.20 -8.69 11.34
CA PHE D 95 -21.55 -8.61 10.81
C PHE D 95 -21.59 -7.33 10.01
N ILE D 96 -22.61 -7.18 9.19
CA ILE D 96 -22.77 -5.98 8.39
C ILE D 96 -23.68 -4.99 9.08
N CYS D 97 -23.32 -3.71 9.02
CA CYS D 97 -24.13 -2.65 9.58
C CYS D 97 -23.71 -1.30 9.03
N PRO D 98 -24.67 -0.51 8.52
CA PRO D 98 -24.24 0.81 8.03
C PRO D 98 -23.60 1.61 9.16
N ALA D 99 -22.52 2.31 8.84
CA ALA D 99 -21.75 3.01 9.88
C ALA D 99 -22.60 3.92 10.76
N GLU D 100 -23.58 4.60 10.17
CA GLU D 100 -24.40 5.49 10.96
C GLU D 100 -25.37 4.76 11.88
N ASP D 101 -25.60 3.47 11.61
CA ASP D 101 -26.58 2.70 12.41
C ASP D 101 -25.92 1.82 13.47
N LEU D 102 -24.60 1.77 13.47
CA LEU D 102 -23.86 0.91 14.37
C LEU D 102 -23.96 1.47 15.79
N SER D 103 -24.31 0.61 16.76
CA SER D 103 -24.42 1.06 18.16
C SER D 103 -23.01 1.21 18.74
N VAL D 104 -22.86 2.04 19.77
CA VAL D 104 -21.56 2.21 20.44
C VAL D 104 -21.09 0.89 21.02
N ASN D 105 -21.99 0.14 21.63
CA ASN D 105 -21.65 -1.18 22.15
C ASN D 105 -21.22 -2.15 21.06
N GLY D 106 -21.88 -2.08 19.91
CA GLY D 106 -21.55 -2.92 18.77
C GLY D 106 -20.15 -2.64 18.30
N TRP D 107 -19.83 -1.37 18.09
CA TRP D 107 -18.50 -0.94 17.72
C TRP D 107 -17.49 -1.39 18.79
N ASN D 108 -17.76 -1.06 20.04
CA ASN D 108 -16.85 -1.38 21.13
C ASN D 108 -16.56 -2.88 21.21
N SER D 109 -17.57 -3.71 21.00
CA SER D 109 -17.39 -5.16 21.11
C SER D 109 -16.45 -5.71 20.05
N VAL D 110 -16.54 -5.21 18.82
CA VAL D 110 -15.67 -5.69 17.75
C VAL D 110 -14.23 -5.23 18.01
N ILE D 111 -14.03 -3.96 18.35
CA ILE D 111 -12.69 -3.47 18.67
C ILE D 111 -12.12 -4.28 19.84
N ASN D 112 -12.94 -4.55 20.84
CA ASN D 112 -12.48 -5.28 22.02
C ASN D 112 -12.02 -6.69 21.76
N ILE D 113 -12.83 -7.47 21.03
CA ILE D 113 -12.54 -8.87 20.71
C ILE D 113 -11.39 -9.00 19.72
N VAL D 114 -11.50 -8.27 18.62
CA VAL D 114 -10.53 -8.37 17.55
C VAL D 114 -9.22 -7.65 17.79
N LEU D 115 -9.28 -6.36 18.08
CA LEU D 115 -8.06 -5.62 18.27
C LEU D 115 -7.46 -5.82 19.66
N ASN D 116 -8.20 -5.44 20.71
CA ASN D 116 -7.69 -5.55 22.08
C ASN D 116 -7.37 -7.00 22.48
N GLY D 117 -8.29 -7.91 22.18
CA GLY D 117 -8.09 -9.34 22.48
C GLY D 117 -6.84 -9.89 21.81
N THR D 118 -6.57 -9.49 20.57
CA THR D 118 -5.36 -9.93 19.90
C THR D 118 -4.14 -9.34 20.61
N PHE D 119 -4.20 -8.08 21.06
CA PHE D 119 -3.07 -7.51 21.79
C PHE D 119 -2.89 -8.22 23.14
N TYR D 120 -3.98 -8.48 23.86
CA TYR D 120 -3.85 -9.12 25.17
C TYR D 120 -3.22 -10.50 25.06
N CYS D 121 -3.66 -11.27 24.06
CA CYS D 121 -3.12 -12.61 23.87
C CYS D 121 -1.68 -12.58 23.41
N SER D 122 -1.36 -11.66 22.50
CA SER D 122 -0.02 -11.58 21.98
C SER D 122 0.96 -11.09 23.02
N GLN D 123 0.57 -10.13 23.84
CA GLN D 123 1.48 -9.61 24.84
C GLN D 123 1.71 -10.65 25.93
N ALA D 124 0.66 -11.33 26.34
CA ALA D 124 0.77 -12.32 27.40
C ALA D 124 1.62 -13.51 26.96
N ILE D 125 1.36 -14.02 25.77
CA ILE D 125 2.16 -15.13 25.22
C ILE D 125 3.59 -14.68 24.94
N GLY D 126 3.77 -13.47 24.42
CA GLY D 126 5.10 -12.95 24.16
C GLY D 126 5.90 -12.89 25.46
N LYS D 127 5.28 -12.35 26.51
CA LYS D 127 5.96 -12.27 27.81
C LYS D 127 6.34 -13.65 28.30
N TYR D 128 5.49 -14.63 28.06
CA TYR D 128 5.81 -16.02 28.42
C TYR D 128 7.03 -16.48 27.64
N TRP D 129 7.05 -16.25 26.34
CA TRP D 129 8.20 -16.61 25.49
C TRP D 129 9.51 -15.90 25.91
N ILE D 130 9.41 -14.63 26.27
CA ILE D 130 10.56 -13.82 26.69
C ILE D 130 11.17 -14.43 27.94
N GLU D 131 10.32 -14.75 28.91
CA GLU D 131 10.75 -15.37 30.14
C GLU D 131 11.47 -16.68 29.89
N LYS D 132 10.95 -17.49 28.98
CA LYS D 132 11.52 -18.81 28.75
C LYS D 132 12.56 -18.91 27.64
N GLY D 133 12.84 -17.81 26.96
CA GLY D 133 13.77 -17.83 25.85
C GLY D 133 13.25 -18.60 24.63
N ILE D 134 11.94 -18.60 24.40
CA ILE D 134 11.36 -19.33 23.28
C ILE D 134 11.18 -18.40 22.07
N LYS D 135 11.72 -18.82 20.92
CA LYS D 135 11.57 -18.02 19.71
C LYS D 135 10.25 -18.41 19.04
N GLY D 136 9.17 -17.85 19.56
CA GLY D 136 7.86 -18.19 19.11
C GLY D 136 7.45 -17.64 17.77
N ASN D 137 6.26 -18.06 17.36
N ASN D 137 6.29 -18.13 17.30
CA ASN D 137 5.69 -17.64 16.11
CA ASN D 137 5.68 -17.68 16.05
C ASN D 137 4.24 -17.26 16.29
C ASN D 137 4.24 -17.24 16.32
N ILE D 138 3.88 -16.05 15.81
CA ILE D 138 2.52 -15.55 15.90
C ILE D 138 1.97 -15.36 14.48
N ILE D 139 0.75 -15.83 14.27
CA ILE D 139 0.04 -15.57 13.02
C ILE D 139 -1.31 -14.95 13.39
N ASN D 140 -1.56 -13.76 12.84
CA ASN D 140 -2.80 -13.06 13.04
C ASN D 140 -3.68 -13.16 11.79
N VAL D 142 -6.26 -11.66 9.43
CA VAL D 142 -6.79 -10.34 9.10
C VAL D 142 -7.76 -10.50 7.93
N ALA D 143 -8.01 -9.45 7.17
CA ALA D 143 -8.88 -9.52 6.02
C ALA D 143 -8.33 -8.51 5.02
N THR D 144 -8.67 -8.68 3.74
CA THR D 144 -8.15 -7.78 2.72
C THR D 144 -8.70 -6.35 2.83
N TYR D 145 -9.85 -6.18 3.47
CA TYR D 145 -10.38 -4.81 3.67
C TYR D 145 -9.60 -4.07 4.78
N ALA D 146 -8.70 -4.77 5.48
CA ALA D 146 -7.89 -4.14 6.52
C ALA D 146 -7.04 -2.99 5.96
N TRP D 147 -6.66 -3.04 4.68
CA TRP D 147 -5.80 -1.97 4.13
C TRP D 147 -6.50 -1.18 3.08
N ASP D 148 -7.81 -1.20 3.16
CA ASP D 148 -8.60 -0.50 2.19
C ASP D 148 -9.88 -0.07 2.93
N ALA D 149 -10.96 0.03 2.18
CA ALA D 149 -12.26 0.34 2.76
C ALA D 149 -13.00 -0.97 3.00
N GLY D 150 -13.80 -1.01 4.06
CA GLY D 150 -14.64 -2.16 4.40
C GLY D 150 -16.07 -1.66 4.56
N PRO D 151 -16.69 -1.19 3.46
CA PRO D 151 -18.04 -0.65 3.60
C PRO D 151 -19.00 -1.69 4.15
N GLY D 152 -19.78 -1.26 5.13
CA GLY D 152 -20.70 -2.17 5.81
C GLY D 152 -20.07 -2.93 6.96
N VAL D 153 -18.73 -2.94 7.05
CA VAL D 153 -18.03 -3.64 8.15
C VAL D 153 -16.97 -2.72 8.77
N ILE D 154 -17.34 -1.46 9.01
CA ILE D 154 -16.37 -0.46 9.45
C ILE D 154 -15.65 -0.87 10.74
N HIS D 155 -16.39 -1.48 11.65
CA HIS D 155 -15.81 -1.98 12.90
C HIS D 155 -14.71 -3.00 12.67
N SER D 156 -14.96 -3.98 11.81
N SER D 156 -14.99 -3.97 11.80
CA SER D 156 -13.96 -5.01 11.55
CA SER D 156 -14.02 -5.02 11.51
C SER D 156 -12.80 -4.46 10.72
C SER D 156 -12.83 -4.46 10.72
N ALA D 157 -13.09 -3.56 9.79
CA ALA D 157 -12.03 -2.96 9.00
C ALA D 157 -11.05 -2.22 9.91
N ALA D 158 -11.57 -1.46 10.87
CA ALA D 158 -10.72 -0.70 11.78
C ALA D 158 -9.92 -1.64 12.69
N ALA D 159 -10.60 -2.61 13.28
CA ALA D 159 -9.97 -3.56 14.19
C ALA D 159 -8.89 -4.35 13.49
N LYS D 160 -9.19 -4.85 12.30
CA LYS D 160 -8.23 -5.65 11.52
C LYS D 160 -7.08 -4.82 11.01
N ALA D 161 -7.33 -3.56 10.67
CA ALA D 161 -6.25 -2.68 10.28
C ALA D 161 -5.30 -2.50 11.48
N GLY D 162 -5.85 -2.41 12.68
CA GLY D 162 -5.06 -2.24 13.86
C GLY D 162 -4.25 -3.51 14.11
N VAL D 163 -4.86 -4.68 13.87
CA VAL D 163 -4.14 -5.94 14.01
C VAL D 163 -2.96 -6.02 13.04
N LEU D 164 -3.18 -5.60 11.80
CA LEU D 164 -2.12 -5.60 10.80
C LEU D 164 -0.95 -4.71 11.26
N ALA D 165 -1.24 -3.50 11.77
CA ALA D 165 -0.17 -2.60 12.25
C ALA D 165 0.58 -3.25 13.43
N THR D 167 0.93 -6.43 13.98
CA THR D 167 1.71 -7.52 13.36
C THR D 167 3.07 -7.03 12.86
N LYS D 168 3.06 -5.93 12.12
CA LYS D 168 4.29 -5.37 11.58
C LYS D 168 5.16 -4.80 12.69
N THR D 169 4.54 -4.17 13.68
CA THR D 169 5.27 -3.53 14.76
C THR D 169 5.98 -4.58 15.62
N LEU D 170 5.27 -5.62 16.02
CA LEU D 170 5.87 -6.71 16.78
C LEU D 170 6.94 -7.48 15.97
N ALA D 171 6.72 -7.67 14.68
CA ALA D 171 7.74 -8.31 13.87
C ALA D 171 9.08 -7.55 14.00
N VAL D 172 9.04 -6.22 14.02
CA VAL D 172 10.25 -5.43 14.14
C VAL D 172 10.84 -5.49 15.55
N GLU D 173 10.04 -5.13 16.56
CA GLU D 173 10.49 -5.03 17.96
C GLU D 173 10.92 -6.35 18.50
N TRP D 174 10.06 -7.35 18.38
CA TRP D 174 10.33 -8.68 18.95
C TRP D 174 11.14 -9.58 18.04
N GLY D 175 11.09 -9.33 16.76
CA GLY D 175 11.94 -10.07 15.83
C GLY D 175 13.37 -9.72 16.20
N ARG D 176 13.63 -8.43 16.38
CA ARG D 176 14.94 -7.97 16.74
C ARG D 176 15.39 -8.37 18.15
N LYS D 177 14.55 -8.12 19.15
CA LYS D 177 14.99 -8.28 20.54
C LYS D 177 14.91 -9.73 21.00
N TYR D 178 13.97 -10.50 20.43
CA TYR D 178 13.73 -11.89 20.90
C TYR D 178 13.70 -12.99 19.83
N GLY D 179 13.79 -12.65 18.56
CA GLY D 179 13.75 -13.70 17.55
C GLY D 179 12.35 -14.29 17.36
N ILE D 180 11.32 -13.57 17.84
CA ILE D 180 9.92 -13.95 17.68
C ILE D 180 9.41 -13.47 16.32
N ARG D 181 8.81 -14.36 15.52
CA ARG D 181 8.25 -13.98 14.22
C ARG D 181 6.75 -13.65 14.32
N VAL D 182 6.34 -12.62 13.60
CA VAL D 182 4.95 -12.21 13.63
C VAL D 182 4.51 -11.91 12.19
N ASN D 183 3.47 -12.61 11.74
CA ASN D 183 2.93 -12.46 10.41
C ASN D 183 1.42 -12.51 10.42
N ALA D 184 0.81 -12.19 9.29
CA ALA D 184 -0.65 -12.25 9.17
C ALA D 184 -1.06 -12.99 7.92
N ILE D 185 -2.29 -13.48 7.94
CA ILE D 185 -2.93 -14.11 6.80
C ILE D 185 -4.21 -13.36 6.51
N ALA D 186 -4.45 -13.07 5.25
CA ALA D 186 -5.66 -12.38 4.82
C ALA D 186 -6.44 -13.28 3.88
N PRO D 187 -7.45 -14.01 4.40
CA PRO D 187 -8.18 -14.86 3.48
C PRO D 187 -9.25 -14.12 2.72
N GLY D 188 -9.60 -14.67 1.57
CA GLY D 188 -10.70 -14.19 0.77
C GLY D 188 -11.89 -15.02 1.25
N PRO D 189 -12.90 -15.21 0.39
CA PRO D 189 -14.10 -15.95 0.82
C PRO D 189 -13.81 -17.44 0.91
N ILE D 190 -14.08 -18.04 2.06
CA ILE D 190 -13.76 -19.44 2.31
C ILE D 190 -15.02 -20.27 2.64
N GLU D 191 -15.21 -21.38 1.94
CA GLU D 191 -16.37 -22.22 2.22
C GLU D 191 -16.30 -22.75 3.66
N ARG D 192 -17.45 -23.15 4.20
CA ARG D 192 -17.57 -23.64 5.58
C ARG D 192 -17.14 -22.68 6.70
N THR D 193 -17.28 -21.38 6.50
CA THR D 193 -17.00 -20.39 7.56
C THR D 193 -18.30 -19.60 7.73
N GLY D 194 -18.79 -19.47 8.96
CA GLY D 194 -20.11 -18.85 9.17
C GLY D 194 -20.27 -17.47 9.79
N GLY D 195 -20.03 -16.40 9.01
CA GLY D 195 -20.22 -15.01 9.47
C GLY D 195 -21.63 -14.51 9.16
N ALA D 196 -22.16 -13.62 10.01
CA ALA D 196 -23.53 -13.10 9.84
C ALA D 196 -23.71 -12.11 8.68
N GLU D 204 -30.20 -11.19 -3.93
CA GLU D 204 -28.79 -11.27 -4.31
C GLU D 204 -28.38 -12.74 -4.42
N ALA D 206 -24.92 -15.71 -4.29
CA ALA D 206 -23.53 -15.99 -3.93
C ALA D 206 -22.64 -16.13 -5.15
N LYS D 207 -23.25 -16.30 -6.32
CA LYS D 207 -22.48 -16.40 -7.56
C LYS D 207 -21.85 -15.04 -7.86
N ARG D 208 -22.33 -14.00 -7.18
CA ARG D 208 -21.77 -12.66 -7.33
C ARG D 208 -20.39 -12.65 -6.68
N THR D 209 -20.31 -13.28 -5.52
CA THR D 209 -19.06 -13.36 -4.78
C THR D 209 -18.04 -14.21 -5.52
N ILE D 210 -18.42 -15.41 -5.97
CA ILE D 210 -17.44 -16.24 -6.68
C ILE D 210 -17.03 -15.54 -7.97
N GLN D 211 -17.96 -14.81 -8.58
CA GLN D 211 -17.68 -14.06 -9.80
C GLN D 211 -16.62 -12.99 -9.60
N SER D 212 -16.58 -12.39 -8.41
CA SER D 212 -15.63 -11.33 -8.12
C SER D 212 -14.24 -11.90 -7.87
N VAL D 213 -14.15 -13.23 -7.72
CA VAL D 213 -12.86 -13.92 -7.56
C VAL D 213 -12.38 -14.35 -8.94
N PRO D 214 -11.24 -13.85 -9.40
CA PRO D 214 -10.73 -14.28 -10.68
C PRO D 214 -10.73 -15.82 -10.81
N LEU D 215 -10.24 -16.51 -9.78
CA LEU D 215 -10.20 -17.98 -9.85
C LEU D 215 -11.59 -18.65 -9.88
N GLY D 216 -12.65 -17.88 -9.61
CA GLY D 216 -14.02 -18.33 -9.77
C GLY D 216 -14.54 -19.39 -8.80
N ARG D 217 -14.01 -19.38 -7.59
CA ARG D 217 -14.45 -20.31 -6.57
C ARG D 217 -14.09 -19.75 -5.21
N LEU D 218 -14.58 -20.39 -4.19
CA LEU D 218 -14.26 -20.03 -2.84
C LEU D 218 -13.00 -20.80 -2.45
N GLY D 219 -12.27 -20.25 -1.48
CA GLY D 219 -11.11 -20.96 -0.93
C GLY D 219 -11.60 -21.99 0.08
N THR D 220 -10.70 -22.82 0.59
CA THR D 220 -11.10 -23.83 1.58
C THR D 220 -10.37 -23.69 2.93
N PRO D 221 -10.98 -24.19 4.03
CA PRO D 221 -10.24 -24.16 5.29
C PRO D 221 -8.92 -24.93 5.22
N GLU D 222 -8.90 -26.00 4.41
CA GLU D 222 -7.70 -26.84 4.28
C GLU D 222 -6.58 -26.07 3.58
N GLU D 223 -6.92 -25.20 2.65
CA GLU D 223 -5.93 -24.35 1.98
C GLU D 223 -5.38 -23.31 2.97
N ILE D 224 -6.27 -22.70 3.73
CA ILE D 224 -5.86 -21.73 4.74
C ILE D 224 -4.94 -22.45 5.74
N ALA D 225 -5.32 -23.66 6.12
CA ALA D 225 -4.48 -24.45 7.02
C ALA D 225 -3.09 -24.72 6.46
N GLY D 226 -2.98 -25.00 5.15
CA GLY D 226 -1.67 -25.24 4.53
C GLY D 226 -0.77 -24.01 4.58
N LEU D 227 -1.38 -22.84 4.47
CA LEU D 227 -0.64 -21.58 4.49
C LEU D 227 -0.13 -21.33 5.90
N ALA D 228 -0.99 -21.55 6.90
CA ALA D 228 -0.60 -21.42 8.30
C ALA D 228 0.52 -22.41 8.62
N TYR D 229 0.40 -23.65 8.16
CA TYR D 229 1.42 -24.65 8.40
C TYR D 229 2.76 -24.30 7.74
N TYR D 230 2.71 -23.86 6.47
CA TYR D 230 3.94 -23.39 5.81
C TYR D 230 4.61 -22.27 6.62
N LEU D 231 3.84 -21.27 7.01
CA LEU D 231 4.35 -20.13 7.80
C LEU D 231 4.99 -20.52 9.11
N CYS D 232 4.56 -21.63 9.70
CA CYS D 232 5.18 -22.12 10.92
C CYS D 232 6.35 -23.06 10.67
N SER D 233 6.59 -23.46 9.42
CA SER D 233 7.66 -24.42 9.15
C SER D 233 9.05 -23.78 9.23
N ASP D 234 10.06 -24.63 9.40
CA ASP D 234 11.42 -24.12 9.51
C ASP D 234 11.88 -23.41 8.24
N GLU D 235 11.39 -23.84 7.07
CA GLU D 235 11.83 -23.20 5.81
C GLU D 235 11.29 -21.78 5.65
N ALA D 236 10.27 -21.42 6.43
CA ALA D 236 9.68 -20.08 6.39
C ALA D 236 10.24 -19.17 7.48
N ALA D 237 11.32 -19.60 8.11
CA ALA D 237 11.92 -18.89 9.25
C ALA D 237 12.27 -17.43 8.96
N TYR D 238 12.47 -17.07 7.71
CA TYR D 238 12.85 -15.71 7.39
C TYR D 238 11.64 -14.84 7.03
N ILE D 239 10.44 -15.40 6.99
CA ILE D 239 9.27 -14.59 6.73
C ILE D 239 8.87 -13.91 8.03
N ASN D 240 8.82 -12.59 8.03
CA ASN D 240 8.53 -11.87 9.23
C ASN D 240 7.98 -10.50 8.92
N GLY D 241 6.87 -10.17 9.58
CA GLY D 241 6.27 -8.85 9.43
C GLY D 241 5.50 -8.65 8.14
N THR D 242 4.98 -9.74 7.58
CA THR D 242 4.24 -9.61 6.35
C THR D 242 2.83 -10.21 6.47
N CYS D 243 2.02 -9.94 5.46
CA CYS D 243 0.65 -10.43 5.39
C CYS D 243 0.55 -11.24 4.11
N THR D 245 -1.73 -13.00 1.54
CA THR D 245 -3.10 -12.97 1.07
C THR D 245 -3.46 -14.24 0.32
N ASP D 247 -6.71 -15.15 -1.58
CA ASP D 247 -8.06 -14.76 -1.99
C ASP D 247 -8.42 -14.92 -3.46
N GLY D 248 -7.62 -15.70 -4.17
CA GLY D 248 -7.88 -15.97 -5.58
C GLY D 248 -7.71 -14.75 -6.47
N GLY D 249 -7.23 -13.65 -5.89
CA GLY D 249 -7.10 -12.37 -6.58
C GLY D 249 -8.28 -11.42 -6.39
N GLN D 250 -9.17 -11.78 -5.48
CA GLN D 250 -10.38 -11.01 -5.25
C GLN D 250 -10.23 -9.56 -4.92
N HIS D 251 -9.26 -9.20 -4.08
CA HIS D 251 -9.13 -7.84 -3.62
C HIS D 251 -8.61 -6.85 -4.69
N LEU D 252 -8.11 -7.36 -5.81
CA LEU D 252 -7.58 -6.50 -6.88
C LEU D 252 -8.68 -5.89 -7.69
N HIS D 253 -8.37 -4.79 -8.40
CA HIS D 253 -9.34 -4.20 -9.29
C HIS D 253 -9.70 -5.19 -10.38
N GLN D 254 -11.00 -5.37 -10.60
CA GLN D 254 -11.48 -6.34 -11.56
C GLN D 254 -11.73 -5.71 -12.93
N TYR D 255 -11.84 -4.38 -12.99
CA TYR D 255 -11.94 -3.72 -14.29
C TYR D 255 -11.12 -2.40 -14.33
N PRO D 256 -10.73 -1.94 -15.54
CA PRO D 256 -9.86 -0.76 -15.71
C PRO D 256 -10.20 0.40 -14.77
#